data_7PP9
#
_entry.id   7PP9
#
_cell.length_a   45.822
_cell.length_b   74.862
_cell.length_c   76.439
_cell.angle_alpha   90.000
_cell.angle_beta   105.460
_cell.angle_gamma   90.020
#
_symmetry.space_group_name_H-M   'P 1'
#
loop_
_entity.id
_entity.type
_entity.pdbx_description
1 polymer 'Carbonic anhydrase 12'
2 non-polymer 'ZINC ION'
3 non-polymer 'methyl 2-chloranyl-4-cyclohexylsulfanyl-5-sulfamoyl-benzoate'
4 water water
#
_entity_poly.entity_id   1
_entity_poly.type   'polypeptide(L)'
_entity_poly.pdbx_seq_one_letter_code
;ASKWTYFGPDGENSWSKKYPSCGGLLQSPIDLHSDILQYDASLTPLEFQGYNLSANKQFLLTNNGHSVKLNLPSDMHIQG
LQSRYSATQLHLHWGNPNDPHGSEHTVSGQHFAAELHIVHYNSDLYPDASTASNKSEGLAVLAVLIEMGSFNPSYDKIFS
HLQHVKYKGQEAFVPGFNIEELLPERTAEYYRYRGSLTTPPCNPTVLWTVFRNPVQISQEQLLALETALYCTHMDDPSPR
EMINNFRQVQKFDERLVYTSFSQ
;
_entity_poly.pdbx_strand_id   A,B,C,D
#
# COMPACT_ATOMS: atom_id res chain seq x y z
N LYS A 3 25.14 29.01 22.37
CA LYS A 3 25.44 28.54 20.96
C LYS A 3 24.45 27.42 20.63
N TRP A 4 24.15 27.23 19.36
CA TRP A 4 23.39 26.07 18.87
C TRP A 4 23.67 25.92 17.40
N THR A 5 23.79 24.68 16.93
CA THR A 5 24.01 24.41 15.48
C THR A 5 23.06 23.33 15.02
N TYR A 6 23.15 22.98 13.75
CA TYR A 6 22.50 21.81 13.13
C TYR A 6 23.49 20.64 12.93
N PHE A 7 24.72 20.69 13.45
CA PHE A 7 25.69 19.56 13.39
C PHE A 7 26.39 19.38 14.74
N GLY A 8 26.74 18.14 15.07
CA GLY A 8 27.80 17.84 16.04
C GLY A 8 27.33 18.04 17.48
N PRO A 9 28.27 18.25 18.42
CA PRO A 9 27.94 18.34 19.84
C PRO A 9 26.72 19.21 20.19
N ASP A 10 26.58 20.39 19.56
CA ASP A 10 25.57 21.46 19.86
C ASP A 10 24.31 21.27 18.98
N GLY A 11 24.27 20.16 18.23
CA GLY A 11 23.20 19.83 17.27
C GLY A 11 21.82 19.69 17.92
N GLU A 12 20.82 19.48 17.07
CA GLU A 12 19.37 19.60 17.37
C GLU A 12 18.98 18.61 18.49
N ASN A 13 19.67 17.47 18.65
CA ASN A 13 19.34 16.42 19.66
C ASN A 13 19.77 16.91 21.07
N SER A 14 20.71 17.86 21.11
CA SER A 14 21.28 18.54 22.30
C SER A 14 20.56 19.85 22.61
N TRP A 15 19.69 20.36 21.72
CA TRP A 15 18.96 21.64 21.93
C TRP A 15 18.26 21.64 23.31
N SER A 16 17.61 20.55 23.70
CA SER A 16 16.78 20.42 24.92
C SER A 16 17.57 20.78 26.19
N LYS A 17 18.90 20.60 26.18
CA LYS A 17 19.78 20.85 27.35
C LYS A 17 19.66 22.31 27.80
N LYS A 18 19.95 23.27 26.92
CA LYS A 18 19.81 24.72 27.25
C LYS A 18 18.44 25.26 26.86
N TYR A 19 17.66 24.58 25.99
CA TYR A 19 16.38 25.15 25.46
C TYR A 19 15.27 24.11 25.64
N PRO A 20 14.73 23.98 26.87
CA PRO A 20 13.95 22.80 27.27
C PRO A 20 12.71 22.59 26.41
N SER A 21 12.13 23.68 25.89
CA SER A 21 10.96 23.62 25.00
C SER A 21 11.23 22.72 23.78
N CYS A 22 12.51 22.53 23.40
CA CYS A 22 12.88 21.70 22.21
C CYS A 22 12.57 20.22 22.47
N GLY A 23 12.46 19.83 23.74
CA GLY A 23 12.03 18.50 24.20
C GLY A 23 10.56 18.46 24.59
N GLY A 24 9.84 19.55 24.42
CA GLY A 24 8.46 19.67 24.88
C GLY A 24 7.46 19.27 23.82
N LEU A 25 6.28 19.88 23.94
CA LEU A 25 5.05 19.58 23.17
C LEU A 25 4.98 20.44 21.89
N LEU A 26 4.11 20.02 20.96
CA LEU A 26 3.82 20.76 19.69
C LEU A 26 5.11 21.13 18.97
N GLN A 27 6.09 20.21 18.86
CA GLN A 27 7.35 20.43 18.07
C GLN A 27 7.09 20.32 16.54
N SER A 28 7.62 21.29 15.81
CA SER A 28 7.69 21.35 14.34
C SER A 28 9.14 21.11 13.95
N PRO A 29 9.49 20.74 12.70
CA PRO A 29 8.51 20.42 11.66
C PRO A 29 7.99 18.98 11.70
N ILE A 30 7.01 18.72 10.85
CA ILE A 30 6.32 17.40 10.77
C ILE A 30 6.17 16.98 9.31
N ASP A 31 5.90 15.69 9.17
CA ASP A 31 5.50 15.08 7.88
C ASP A 31 3.97 15.22 7.73
N LEU A 32 3.55 15.84 6.64
CA LEU A 32 2.15 16.04 6.23
C LEU A 32 1.71 14.86 5.38
N HIS A 33 0.89 13.97 5.92
CA HIS A 33 0.43 12.71 5.27
C HIS A 33 -1.08 12.59 5.49
N SER A 34 -1.81 12.00 4.53
CA SER A 34 -3.30 12.05 4.39
C SER A 34 -4.00 11.51 5.63
N ASP A 35 -3.45 10.44 6.22
CA ASP A 35 -4.03 9.82 7.44
C ASP A 35 -4.07 10.80 8.61
N ILE A 36 -3.37 11.95 8.57
CA ILE A 36 -3.49 13.00 9.64
C ILE A 36 -4.03 14.32 9.08
N LEU A 37 -4.63 14.32 7.87
CA LEU A 37 -5.21 15.54 7.24
C LEU A 37 -6.73 15.51 7.36
N GLN A 38 -7.31 16.64 7.74
CA GLN A 38 -8.77 16.84 7.85
C GLN A 38 -9.13 18.19 7.24
N TYR A 39 -9.82 18.18 6.11
CA TYR A 39 -10.46 19.38 5.51
C TYR A 39 -11.23 20.08 6.61
N ASP A 40 -10.99 21.39 6.76
CA ASP A 40 -11.77 22.30 7.61
C ASP A 40 -12.22 23.44 6.70
N ALA A 41 -13.53 23.55 6.46
CA ALA A 41 -14.17 24.48 5.51
C ALA A 41 -14.07 25.91 6.02
N SER A 42 -13.77 26.10 7.30
CA SER A 42 -13.62 27.43 7.94
C SER A 42 -12.34 28.11 7.46
N LEU A 43 -11.39 27.38 6.85
CA LEU A 43 -10.05 27.93 6.52
C LEU A 43 -10.12 28.79 5.26
N THR A 44 -10.44 30.07 5.41
CA THR A 44 -10.60 31.00 4.26
C THR A 44 -9.23 31.54 3.88
N PRO A 45 -9.08 32.10 2.66
CA PRO A 45 -7.81 32.69 2.24
C PRO A 45 -7.26 33.70 3.24
N LEU A 46 -5.96 33.69 3.47
CA LEU A 46 -5.33 34.88 4.10
C LEU A 46 -5.20 35.94 3.00
N GLU A 47 -5.29 37.19 3.41
CA GLU A 47 -4.87 38.39 2.63
C GLU A 47 -3.51 38.86 3.15
N PHE A 48 -2.63 39.28 2.25
CA PHE A 48 -1.28 39.78 2.61
C PHE A 48 -1.21 41.29 2.33
N GLN A 49 -1.22 42.11 3.38
CA GLN A 49 -1.24 43.58 3.29
C GLN A 49 0.18 44.11 3.51
N GLY A 50 0.59 45.06 2.67
CA GLY A 50 1.90 45.73 2.78
C GLY A 50 3.02 44.89 2.22
N TYR A 51 2.72 43.85 1.45
CA TYR A 51 3.77 42.93 0.94
C TYR A 51 4.52 43.61 -0.21
N ASN A 52 3.89 44.60 -0.84
CA ASN A 52 4.43 45.28 -2.06
C ASN A 52 5.43 46.36 -1.63
N LEU A 53 6.64 45.94 -1.24
CA LEU A 53 7.67 46.86 -0.73
C LEU A 53 8.21 47.58 -1.95
N SER A 54 8.31 48.91 -1.89
CA SER A 54 8.77 49.76 -3.00
C SER A 54 10.24 49.43 -3.24
N ALA A 55 10.61 49.31 -4.52
CA ALA A 55 12.01 49.21 -5.01
C ALA A 55 12.75 50.49 -4.64
N ASN A 56 12.00 51.53 -4.23
CA ASN A 56 12.51 52.81 -3.65
C ASN A 56 13.26 52.55 -2.34
N LYS A 57 12.76 51.59 -1.58
CA LYS A 57 13.19 51.37 -0.17
C LYS A 57 14.11 50.15 -0.16
N GLN A 58 15.08 50.15 0.76
CA GLN A 58 16.10 49.10 0.92
C GLN A 58 15.85 48.38 2.26
N PHE A 59 16.13 47.07 2.31
CA PHE A 59 15.83 46.15 3.44
C PHE A 59 17.09 45.34 3.81
N LEU A 60 17.36 45.18 5.11
CA LEU A 60 18.60 44.51 5.57
C LEU A 60 18.55 42.97 5.38
N LEU A 61 19.57 42.46 4.71
CA LEU A 61 19.83 41.01 4.51
C LEU A 61 20.98 40.62 5.41
N THR A 62 20.79 39.65 6.30
CA THR A 62 21.83 39.22 7.27
C THR A 62 22.04 37.72 7.14
N ASN A 63 23.30 37.31 7.00
CA ASN A 63 23.80 35.96 7.35
C ASN A 63 24.02 35.98 8.86
N ASN A 64 23.28 35.19 9.65
CA ASN A 64 23.32 35.22 11.15
C ASN A 64 23.99 33.93 11.64
N GLY A 65 24.52 33.14 10.70
CA GLY A 65 25.29 31.92 10.94
C GLY A 65 24.39 30.71 11.05
N HIS A 66 23.08 30.89 10.83
CA HIS A 66 22.09 29.81 10.76
C HIS A 66 21.40 29.83 9.40
N SER A 67 21.26 31.00 8.79
CA SER A 67 20.51 31.20 7.54
C SER A 67 20.76 32.61 7.06
N VAL A 68 20.37 32.88 5.83
CA VAL A 68 20.22 34.27 5.33
C VAL A 68 18.83 34.70 5.79
N LYS A 69 18.72 35.92 6.28
CA LYS A 69 17.48 36.49 6.82
C LYS A 69 17.31 37.89 6.18
N LEU A 70 16.07 38.20 5.80
CA LEU A 70 15.66 39.51 5.28
C LEU A 70 14.70 40.14 6.27
N ASN A 71 15.10 41.26 6.90
CA ASN A 71 14.22 41.96 7.89
C ASN A 71 13.12 42.67 7.13
N LEU A 72 11.90 42.48 7.61
CA LEU A 72 10.69 42.98 6.94
C LEU A 72 10.06 44.02 7.86
N PRO A 73 9.34 45.00 7.27
CA PRO A 73 8.68 46.05 8.03
C PRO A 73 7.37 45.54 8.64
N SER A 74 7.05 46.01 9.85
CA SER A 74 5.89 45.58 10.67
C SER A 74 4.52 46.03 10.12
N ASP A 75 4.43 47.00 9.19
CA ASP A 75 3.11 47.35 8.57
C ASP A 75 2.84 46.31 7.48
N MET A 76 3.74 45.39 7.28
CA MET A 76 3.51 44.25 6.45
C MET A 76 2.80 43.25 7.34
N HIS A 77 1.66 42.71 6.94
CA HIS A 77 0.89 41.78 7.74
C HIS A 77 -0.14 40.84 7.13
N ILE A 78 -0.49 39.83 7.92
CA ILE A 78 -1.57 38.87 7.60
C ILE A 78 -2.86 39.49 8.12
N GLN A 79 -3.88 39.44 7.26
CA GLN A 79 -5.29 39.66 7.61
C GLN A 79 -6.02 38.34 7.35
N GLY A 80 -6.98 38.02 8.19
CA GLY A 80 -7.66 36.78 8.12
C GLY A 80 -7.49 35.88 9.33
N LEU A 81 -6.57 36.20 10.25
CA LEU A 81 -6.42 35.46 11.49
C LEU A 81 -7.22 36.06 12.66
N GLN A 82 -7.15 35.50 13.85
CA GLN A 82 -8.03 36.01 14.93
C GLN A 82 -7.50 37.35 15.41
N SER A 83 -6.21 37.59 15.27
CA SER A 83 -5.64 38.94 15.42
C SER A 83 -4.70 39.25 14.26
N ARG A 84 -4.29 40.49 14.21
CA ARG A 84 -3.31 40.97 13.22
C ARG A 84 -1.92 40.44 13.58
N TYR A 85 -1.25 39.93 12.58
CA TYR A 85 0.10 39.32 12.69
C TYR A 85 0.99 40.10 11.72
N SER A 86 1.98 40.79 12.25
CA SER A 86 2.88 41.70 11.51
C SER A 86 4.21 40.99 11.29
N ALA A 87 4.85 41.24 10.16
CA ALA A 87 6.08 40.56 9.71
C ALA A 87 7.27 41.09 10.50
N THR A 88 8.21 40.19 10.79
CA THR A 88 9.52 40.50 11.39
C THR A 88 10.64 40.14 10.39
N GLN A 89 10.59 38.96 9.77
CA GLN A 89 11.54 38.67 8.66
C GLN A 89 11.14 37.45 7.85
N LEU A 90 11.89 37.15 6.81
CA LEU A 90 11.89 35.83 6.18
C LEU A 90 13.33 35.29 6.20
N HIS A 91 13.44 33.96 6.17
CA HIS A 91 14.69 33.19 6.06
C HIS A 91 14.41 31.89 5.31
N LEU A 92 15.46 31.17 4.90
CA LEU A 92 15.33 29.89 4.19
C LEU A 92 16.05 28.79 4.96
N HIS A 93 15.67 27.55 4.66
CA HIS A 93 16.36 26.29 5.05
C HIS A 93 16.65 25.52 3.76
N TRP A 94 17.81 24.88 3.71
CA TRP A 94 18.20 24.13 2.50
C TRP A 94 19.08 22.95 2.88
N GLY A 95 19.42 22.13 1.90
CA GLY A 95 20.26 20.95 2.10
C GLY A 95 21.71 21.24 1.75
N ASN A 96 22.23 20.43 0.84
CA ASN A 96 23.63 20.41 0.37
C ASN A 96 23.59 19.97 -1.10
N PRO A 97 24.61 20.34 -1.91
CA PRO A 97 24.58 20.07 -3.35
C PRO A 97 24.42 18.59 -3.69
N ASN A 98 25.05 17.71 -2.92
CA ASN A 98 24.98 16.23 -3.11
C ASN A 98 23.61 15.66 -2.71
N ASP A 99 22.91 16.30 -1.75
CA ASP A 99 21.58 15.85 -1.27
C ASP A 99 20.67 17.08 -1.15
N PRO A 100 20.11 17.56 -2.29
CA PRO A 100 19.43 18.85 -2.33
C PRO A 100 17.97 18.67 -1.91
N HIS A 101 17.78 18.37 -0.62
CA HIS A 101 16.48 18.05 0.00
C HIS A 101 16.50 18.65 1.42
N GLY A 102 16.15 19.93 1.53
CA GLY A 102 16.47 20.72 2.72
C GLY A 102 15.25 21.35 3.33
N SER A 103 14.06 20.98 2.85
CA SER A 103 12.80 21.50 3.41
C SER A 103 12.72 20.99 4.84
N GLU A 104 11.93 21.71 5.65
CA GLU A 104 11.66 21.37 7.06
C GLU A 104 10.43 20.46 7.07
N HIS A 105 9.29 20.94 6.60
CA HIS A 105 8.11 20.07 6.40
C HIS A 105 8.37 19.16 5.20
N THR A 106 7.83 17.96 5.27
CA THR A 106 7.86 16.94 4.20
C THR A 106 6.42 16.59 3.90
N VAL A 107 6.16 16.12 2.70
CA VAL A 107 4.80 15.70 2.25
C VAL A 107 4.94 14.24 1.87
N SER A 108 4.18 13.35 2.52
CA SER A 108 4.27 11.87 2.36
C SER A 108 5.72 11.42 2.43
N GLY A 109 6.52 11.99 3.36
CA GLY A 109 7.88 11.56 3.67
C GLY A 109 8.91 12.15 2.71
N GLN A 110 8.44 12.88 1.69
CA GLN A 110 9.32 13.53 0.68
C GLN A 110 9.82 14.87 1.22
N HIS A 111 11.14 15.08 1.19
CA HIS A 111 11.76 16.41 1.39
C HIS A 111 11.67 17.22 0.10
N PHE A 112 11.30 18.50 0.18
CA PHE A 112 11.49 19.44 -0.95
C PHE A 112 12.91 19.98 -0.92
N ALA A 113 13.28 20.70 -1.97
CA ALA A 113 14.65 21.22 -2.12
C ALA A 113 14.92 22.15 -0.92
N ALA A 114 14.08 23.18 -0.72
CA ALA A 114 14.23 24.17 0.36
C ALA A 114 12.88 24.63 0.88
N GLU A 115 12.93 25.54 1.87
CA GLU A 115 11.73 26.09 2.51
C GLU A 115 11.98 27.51 3.00
N LEU A 116 11.04 28.37 2.70
CA LEU A 116 11.02 29.80 3.05
C LEU A 116 9.99 29.99 4.16
N HIS A 117 10.39 30.76 5.18
CA HIS A 117 9.53 31.08 6.33
C HIS A 117 9.43 32.59 6.39
N ILE A 118 8.21 33.10 6.33
CA ILE A 118 7.93 34.54 6.59
C ILE A 118 7.30 34.59 7.98
N VAL A 119 8.04 35.10 8.94
CA VAL A 119 7.68 35.07 10.38
C VAL A 119 6.91 36.37 10.69
N HIS A 120 5.70 36.22 11.21
CA HIS A 120 4.84 37.30 11.71
C HIS A 120 4.59 37.11 13.20
N TYR A 121 4.34 38.20 13.92
CA TYR A 121 4.07 38.15 15.37
C TYR A 121 2.73 38.83 15.59
N ASN A 122 2.14 38.55 16.75
CA ASN A 122 0.82 39.11 17.13
C ASN A 122 1.00 40.56 17.60
N SER A 123 0.88 41.54 16.69
CA SER A 123 1.13 42.98 16.99
C SER A 123 -0.05 43.55 17.79
N ASP A 124 -1.18 42.84 17.82
CA ASP A 124 -2.37 43.30 18.58
C ASP A 124 -2.01 43.28 20.06
N LEU A 125 -1.19 42.34 20.51
CA LEU A 125 -0.87 42.04 21.93
C LEU A 125 0.57 42.40 22.28
N TYR A 126 1.50 42.30 21.34
CA TYR A 126 2.96 42.33 21.65
C TYR A 126 3.66 43.38 20.81
N PRO A 127 4.67 44.05 21.40
CA PRO A 127 5.45 45.09 20.73
C PRO A 127 6.34 44.59 19.58
N ASP A 128 6.86 43.36 19.67
CA ASP A 128 7.88 42.81 18.73
C ASP A 128 7.71 41.30 18.71
N ALA A 129 8.48 40.60 17.88
CA ALA A 129 8.29 39.15 17.66
C ALA A 129 9.05 38.40 18.75
N SER A 130 10.20 38.96 19.15
CA SER A 130 11.01 38.55 20.35
C SER A 130 10.12 38.39 21.57
N THR A 131 9.41 39.44 21.96
CA THR A 131 8.47 39.44 23.09
C THR A 131 7.34 38.42 22.82
N ALA A 132 6.86 38.30 21.58
CA ALA A 132 5.69 37.44 21.23
C ALA A 132 6.06 35.95 21.33
N SER A 133 7.34 35.64 21.14
CA SER A 133 7.92 34.32 20.80
C SER A 133 7.64 33.26 21.86
N ASN A 134 7.65 33.60 23.17
CA ASN A 134 7.25 32.69 24.27
C ASN A 134 5.84 33.02 24.80
N LYS A 135 4.96 33.54 23.95
CA LYS A 135 3.59 33.86 24.39
C LYS A 135 2.59 33.04 23.61
N SER A 136 1.51 32.70 24.27
CA SER A 136 0.42 31.89 23.67
C SER A 136 0.07 32.58 22.36
N GLU A 137 0.02 31.85 21.26
CA GLU A 137 -0.52 32.35 19.97
C GLU A 137 0.25 33.62 19.59
N GLY A 138 1.54 33.66 19.93
CA GLY A 138 2.41 34.81 19.69
C GLY A 138 2.79 34.93 18.22
N LEU A 139 2.89 33.81 17.49
CA LEU A 139 3.58 33.75 16.17
C LEU A 139 2.69 33.04 15.15
N ALA A 140 2.70 33.56 13.94
CA ALA A 140 2.14 32.90 12.74
C ALA A 140 3.27 32.88 11.71
N VAL A 141 3.65 31.70 11.23
CA VAL A 141 4.65 31.62 10.13
C VAL A 141 3.94 31.16 8.87
N LEU A 142 4.35 31.71 7.74
CA LEU A 142 3.98 31.18 6.39
C LEU A 142 5.20 30.43 5.88
N ALA A 143 4.97 29.23 5.39
CA ALA A 143 6.01 28.33 4.83
C ALA A 143 5.73 28.10 3.35
N VAL A 144 6.73 28.25 2.52
CA VAL A 144 6.67 27.89 1.09
C VAL A 144 7.68 26.77 0.81
N LEU A 145 7.19 25.68 0.23
CA LEU A 145 8.02 24.55 -0.22
C LEU A 145 8.59 24.94 -1.57
N ILE A 146 9.84 24.63 -1.80
CA ILE A 146 10.58 25.08 -3.00
C ILE A 146 11.04 23.80 -3.68
N GLU A 147 10.69 23.56 -4.94
CA GLU A 147 11.29 22.45 -5.76
C GLU A 147 12.16 23.05 -6.85
N MET A 148 13.05 22.27 -7.45
CA MET A 148 13.77 22.68 -8.69
C MET A 148 12.77 22.80 -9.83
N GLY A 149 12.90 23.85 -10.63
CA GLY A 149 12.16 23.96 -11.89
C GLY A 149 12.63 25.18 -12.66
N SER A 150 11.67 25.94 -13.19
CA SER A 150 11.91 27.16 -13.98
C SER A 150 12.59 28.21 -13.10
N PHE A 151 13.42 29.04 -13.74
CA PHE A 151 14.08 30.22 -13.11
C PHE A 151 12.99 31.04 -12.43
N ASN A 152 13.32 31.58 -11.24
CA ASN A 152 12.40 32.42 -10.45
C ASN A 152 13.01 33.81 -10.28
N PRO A 153 12.62 34.77 -11.15
CA PRO A 153 13.13 36.14 -11.08
C PRO A 153 12.89 36.81 -9.72
N SER A 154 11.79 36.51 -9.03
CA SER A 154 11.46 37.14 -7.72
C SER A 154 12.31 36.56 -6.61
N TYR A 155 12.59 35.25 -6.59
CA TYR A 155 13.56 34.69 -5.62
C TYR A 155 14.93 35.27 -5.98
N ASP A 156 15.21 35.45 -7.27
CA ASP A 156 16.53 36.01 -7.60
C ASP A 156 16.70 37.40 -6.97
N LYS A 157 15.63 38.14 -6.68
CA LYS A 157 15.74 39.45 -5.96
C LYS A 157 16.46 39.26 -4.61
N ILE A 158 16.51 38.05 -4.07
CA ILE A 158 17.25 37.72 -2.83
C ILE A 158 18.60 37.07 -3.19
N PHE A 159 18.61 36.09 -4.09
CA PHE A 159 19.80 35.25 -4.30
C PHE A 159 20.89 36.08 -4.96
N SER A 160 20.51 37.12 -5.75
CA SER A 160 21.49 38.05 -6.40
C SER A 160 22.46 38.64 -5.35
N HIS A 161 22.05 38.82 -4.09
CA HIS A 161 22.85 39.53 -3.07
C HIS A 161 23.59 38.58 -2.12
N LEU A 162 23.55 37.26 -2.33
CA LEU A 162 24.12 36.28 -1.37
C LEU A 162 25.64 36.49 -1.23
N GLN A 163 26.28 36.95 -2.31
CA GLN A 163 27.75 37.18 -2.33
C GLN A 163 28.10 38.30 -1.36
N HIS A 164 27.18 39.21 -1.05
CA HIS A 164 27.50 40.34 -0.11
C HIS A 164 27.45 39.87 1.34
N VAL A 165 26.94 38.67 1.62
CA VAL A 165 26.72 38.15 3.00
C VAL A 165 27.19 36.68 3.09
N LYS A 166 28.21 36.30 2.32
CA LYS A 166 28.94 35.00 2.43
C LYS A 166 29.20 34.58 3.89
N TYR A 167 29.75 35.44 4.74
CA TYR A 167 30.26 35.08 6.10
C TYR A 167 29.31 35.61 7.17
N LYS A 168 29.37 35.04 8.37
CA LYS A 168 28.45 35.37 9.49
C LYS A 168 28.65 36.83 9.94
N GLY A 169 27.56 37.54 10.27
CA GLY A 169 27.54 38.96 10.68
C GLY A 169 27.44 39.93 9.51
N GLN A 170 27.85 39.51 8.32
CA GLN A 170 27.76 40.31 7.08
C GLN A 170 26.29 40.64 6.80
N GLU A 171 26.06 41.78 6.13
CA GLU A 171 24.77 42.48 5.96
C GLU A 171 24.78 43.20 4.63
N ALA A 172 23.66 43.21 3.92
CA ALA A 172 23.50 43.85 2.61
C ALA A 172 22.11 44.47 2.57
N PHE A 173 21.96 45.57 1.85
CA PHE A 173 20.65 46.20 1.64
C PHE A 173 20.06 45.63 0.35
N VAL A 174 18.76 45.32 0.36
CA VAL A 174 18.03 44.76 -0.82
C VAL A 174 16.89 45.71 -1.17
N PRO A 175 16.77 46.19 -2.42
CA PRO A 175 15.71 47.13 -2.75
C PRO A 175 14.43 46.32 -2.47
N GLY A 176 13.39 46.96 -1.97
CA GLY A 176 12.09 46.31 -1.76
C GLY A 176 11.55 45.70 -3.04
N PHE A 177 10.80 44.60 -2.90
CA PHE A 177 9.91 44.11 -3.98
C PHE A 177 8.69 43.56 -3.27
N ASN A 178 7.77 43.04 -4.08
CA ASN A 178 6.50 42.42 -3.62
C ASN A 178 6.82 41.03 -3.08
N ILE A 179 6.72 40.90 -1.76
CA ILE A 179 7.00 39.64 -1.03
C ILE A 179 5.98 38.59 -1.49
N GLU A 180 4.82 39.03 -1.96
CA GLU A 180 3.72 38.13 -2.39
C GLU A 180 4.12 37.36 -3.63
N GLU A 181 5.18 37.76 -4.31
CA GLU A 181 5.68 37.04 -5.52
C GLU A 181 6.52 35.84 -5.09
N LEU A 182 6.93 35.75 -3.82
CA LEU A 182 7.66 34.58 -3.24
C LEU A 182 6.68 33.42 -2.92
N LEU A 183 5.39 33.73 -2.92
CA LEU A 183 4.31 32.78 -2.61
C LEU A 183 3.95 31.99 -3.86
N PRO A 184 3.45 30.76 -3.67
CA PRO A 184 3.01 29.92 -4.76
C PRO A 184 1.62 30.27 -5.29
N GLU A 185 1.28 29.55 -6.35
CA GLU A 185 -0.06 29.38 -6.96
C GLU A 185 -1.11 29.04 -5.89
N ARG A 186 -2.22 29.76 -5.90
CA ARG A 186 -3.45 29.34 -5.16
C ARG A 186 -3.14 29.28 -3.66
N THR A 187 -2.70 30.38 -3.09
CA THR A 187 -2.41 30.54 -1.65
C THR A 187 -3.62 30.18 -0.78
N ALA A 188 -4.82 30.05 -1.37
CA ALA A 188 -6.05 29.60 -0.65
C ALA A 188 -5.90 28.14 -0.16
N GLU A 189 -5.06 27.33 -0.83
CA GLU A 189 -4.77 25.92 -0.52
C GLU A 189 -3.56 25.82 0.44
N TYR A 190 -3.80 25.45 1.70
CA TYR A 190 -2.73 25.40 2.71
C TYR A 190 -3.06 24.35 3.81
N TYR A 191 -1.98 23.90 4.43
CA TYR A 191 -2.01 23.10 5.67
C TYR A 191 -1.93 24.12 6.78
N ARG A 192 -2.63 23.85 7.87
CA ARG A 192 -2.70 24.70 9.08
C ARG A 192 -2.60 23.77 10.29
N TYR A 193 -1.64 24.03 11.19
CA TYR A 193 -1.58 23.35 12.51
C TYR A 193 -0.88 24.26 13.55
N ARG A 194 -1.05 23.86 14.82
CA ARG A 194 -0.39 24.47 15.99
C ARG A 194 0.98 23.83 16.17
N GLY A 195 2.03 24.64 16.16
CA GLY A 195 3.38 24.08 16.31
C GLY A 195 4.33 24.96 17.05
N SER A 196 5.60 24.73 16.81
CA SER A 196 6.71 25.41 17.52
C SER A 196 7.59 26.18 16.52
N LEU A 197 8.53 26.95 17.04
CA LEU A 197 9.75 27.34 16.27
C LEU A 197 10.51 26.05 15.96
N THR A 198 11.13 25.97 14.77
CA THR A 198 11.96 24.82 14.31
C THR A 198 13.41 25.04 14.71
N THR A 199 13.72 26.12 15.43
CA THR A 199 15.05 26.46 16.02
C THR A 199 14.87 26.85 17.48
N PRO A 200 15.92 26.76 18.32
CA PRO A 200 15.83 27.20 19.71
C PRO A 200 15.35 28.62 19.82
N PRO A 201 14.53 28.96 20.84
CA PRO A 201 14.18 28.05 21.92
C PRO A 201 12.98 27.14 21.68
N CYS A 202 12.59 26.90 20.41
CA CYS A 202 11.52 25.93 20.02
C CYS A 202 10.21 26.23 20.72
N ASN A 203 9.90 27.49 21.01
CA ASN A 203 8.66 27.82 21.78
C ASN A 203 7.49 27.24 21.00
N PRO A 204 6.54 26.55 21.68
CA PRO A 204 5.34 25.99 21.03
C PRO A 204 4.27 27.06 20.81
N THR A 205 4.63 28.14 20.10
CA THR A 205 3.88 29.42 20.05
C THR A 205 3.47 29.80 18.63
N VAL A 206 3.57 28.87 17.67
CA VAL A 206 3.53 29.20 16.23
C VAL A 206 2.28 28.60 15.61
N LEU A 207 1.45 29.47 15.04
CA LEU A 207 0.39 28.99 14.13
C LEU A 207 1.00 28.79 12.73
N TRP A 208 1.21 27.55 12.32
CA TRP A 208 1.82 27.21 11.02
C TRP A 208 0.78 27.29 9.89
N THR A 209 1.17 27.90 8.77
CA THR A 209 0.47 27.86 7.46
C THR A 209 1.48 27.44 6.38
N VAL A 210 1.35 26.21 5.87
CA VAL A 210 2.24 25.64 4.83
C VAL A 210 1.40 25.51 3.55
N PHE A 211 1.74 26.32 2.56
CA PHE A 211 1.02 26.39 1.25
C PHE A 211 1.14 25.02 0.61
N ARG A 212 0.01 24.54 0.10
CA ARG A 212 -0.13 23.24 -0.62
C ARG A 212 0.90 23.13 -1.73
N ASN A 213 1.03 24.18 -2.53
CA ASN A 213 1.77 24.14 -3.81
C ASN A 213 3.18 24.68 -3.56
N PRO A 214 4.19 23.96 -4.08
CA PRO A 214 5.57 24.45 -4.07
C PRO A 214 5.73 25.59 -5.09
N VAL A 215 6.77 26.39 -4.91
CA VAL A 215 7.36 27.26 -5.97
C VAL A 215 8.56 26.52 -6.59
N GLN A 216 8.99 26.95 -7.77
CA GLN A 216 10.21 26.43 -8.44
C GLN A 216 11.31 27.49 -8.43
N ILE A 217 12.55 27.03 -8.30
CA ILE A 217 13.79 27.79 -8.61
C ILE A 217 14.70 26.86 -9.41
N SER A 218 15.48 27.40 -10.34
CA SER A 218 16.41 26.66 -11.23
C SER A 218 17.50 26.03 -10.37
N GLN A 219 18.11 24.94 -10.85
CA GLN A 219 19.16 24.24 -10.08
C GLN A 219 20.30 25.24 -9.83
N GLU A 220 20.50 26.16 -10.77
CA GLU A 220 21.49 27.25 -10.64
C GLU A 220 21.09 28.11 -9.42
N GLN A 221 19.84 28.56 -9.35
CA GLN A 221 19.34 29.28 -8.14
C GLN A 221 19.59 28.38 -6.92
N LEU A 222 19.12 27.13 -6.96
CA LEU A 222 19.21 26.27 -5.76
C LEU A 222 20.68 26.12 -5.38
N LEU A 223 21.56 25.94 -6.35
CA LEU A 223 23.00 25.65 -6.10
C LEU A 223 23.67 26.86 -5.46
N ALA A 224 23.36 28.04 -5.97
CA ALA A 224 23.90 29.31 -5.43
C ALA A 224 23.64 29.30 -3.91
N LEU A 225 22.37 29.17 -3.54
CA LEU A 225 21.92 29.07 -2.12
C LEU A 225 22.70 28.01 -1.32
N GLU A 226 22.87 26.81 -1.86
CA GLU A 226 23.55 25.70 -1.14
C GLU A 226 25.03 26.00 -0.93
N THR A 227 25.66 26.79 -1.80
CA THR A 227 27.16 26.89 -1.82
C THR A 227 27.60 28.32 -1.48
N ALA A 228 26.67 29.27 -1.37
CA ALA A 228 27.02 30.71 -1.34
C ALA A 228 27.55 31.12 0.03
N LEU A 229 27.13 30.49 1.12
CA LEU A 229 27.27 31.01 2.51
C LEU A 229 28.00 30.04 3.44
N TYR A 230 28.54 30.62 4.52
CA TYR A 230 29.31 29.97 5.60
C TYR A 230 28.66 30.38 6.93
N CYS A 231 28.64 29.47 7.89
CA CYS A 231 28.14 29.67 9.28
C CYS A 231 29.11 30.52 10.10
N THR A 232 30.35 30.66 9.60
CA THR A 232 31.55 31.14 10.34
C THR A 232 31.89 32.58 9.91
N HIS A 233 32.48 33.35 10.83
CA HIS A 233 33.06 34.69 10.54
C HIS A 233 34.16 34.57 9.46
N MET A 234 34.38 35.64 8.69
CA MET A 234 35.33 35.77 7.55
C MET A 234 36.72 35.22 7.90
N ASP A 235 37.14 35.48 9.14
CA ASP A 235 38.50 35.28 9.71
C ASP A 235 38.46 34.10 10.68
N ASP A 236 37.47 33.22 10.56
CA ASP A 236 37.44 31.93 11.30
C ASP A 236 38.43 31.03 10.56
N PRO A 237 39.50 30.54 11.23
CA PRO A 237 40.54 29.78 10.54
C PRO A 237 39.97 28.47 9.97
N SER A 238 38.96 27.87 10.63
CA SER A 238 38.23 26.65 10.20
C SER A 238 36.84 27.01 9.66
N PRO A 239 36.71 27.46 8.40
CA PRO A 239 35.40 27.84 7.89
C PRO A 239 34.44 26.65 7.71
N ARG A 240 33.18 26.80 8.15
CA ARG A 240 32.08 25.80 7.95
C ARG A 240 31.05 26.36 6.96
N GLU A 241 30.92 25.68 5.82
CA GLU A 241 29.82 25.82 4.83
C GLU A 241 28.48 25.85 5.57
N MET A 242 27.51 26.63 5.09
CA MET A 242 26.13 26.72 5.64
C MET A 242 25.23 25.88 4.75
N ILE A 243 24.96 24.66 5.20
CA ILE A 243 24.17 23.63 4.46
C ILE A 243 23.32 22.89 5.50
N ASN A 244 22.24 22.25 5.09
CA ASN A 244 21.48 21.34 5.98
C ASN A 244 21.03 22.12 7.23
N ASN A 245 20.53 23.34 7.07
CA ASN A 245 20.06 24.16 8.22
C ASN A 245 18.55 23.95 8.34
N PHE A 246 18.17 22.71 8.62
CA PHE A 246 16.79 22.20 8.64
C PHE A 246 16.73 21.17 9.77
N ARG A 247 15.67 21.22 10.55
CA ARG A 247 15.42 20.29 11.69
C ARG A 247 14.79 19.03 11.11
N GLN A 248 15.16 17.86 11.65
CA GLN A 248 14.48 16.56 11.36
C GLN A 248 13.02 16.70 11.76
N VAL A 249 12.13 16.13 10.97
CA VAL A 249 10.68 16.07 11.30
C VAL A 249 10.50 15.45 12.69
N GLN A 250 9.56 15.99 13.46
CA GLN A 250 9.26 15.55 14.84
C GLN A 250 8.12 14.53 14.84
N LYS A 251 8.02 13.69 15.87
CA LYS A 251 6.86 12.78 16.07
C LYS A 251 5.62 13.67 16.22
N PHE A 252 4.48 13.23 15.69
CA PHE A 252 3.22 14.03 15.67
C PHE A 252 2.10 13.15 16.18
N ASP A 253 1.96 12.98 17.49
CA ASP A 253 1.13 11.88 18.09
C ASP A 253 -0.25 12.41 18.48
N GLU A 254 -1.31 11.67 18.10
CA GLU A 254 -2.67 11.85 18.65
C GLU A 254 -3.07 13.31 18.45
N ARG A 255 -2.90 13.79 17.19
CA ARG A 255 -3.00 15.21 16.77
C ARG A 255 -3.20 15.29 15.25
N LEU A 256 -3.85 16.37 14.78
CA LEU A 256 -4.31 16.51 13.37
C LEU A 256 -3.74 17.79 12.75
N VAL A 257 -3.48 17.71 11.45
CA VAL A 257 -3.27 18.87 10.55
C VAL A 257 -4.56 19.13 9.78
N TYR A 258 -5.04 20.36 9.82
CA TYR A 258 -6.23 20.80 9.05
C TYR A 258 -5.79 21.25 7.67
N THR A 259 -6.63 21.04 6.63
CA THR A 259 -6.41 21.60 5.26
C THR A 259 -7.56 22.53 4.81
N SER A 260 -7.27 23.56 4.02
CA SER A 260 -8.28 24.42 3.36
C SER A 260 -8.75 23.78 2.06
N PHE A 261 -8.26 22.60 1.69
CA PHE A 261 -8.63 21.91 0.42
C PHE A 261 -9.06 20.48 0.75
N SER A 262 -10.04 19.94 0.02
CA SER A 262 -10.72 18.66 0.35
C SER A 262 -10.12 17.49 -0.43
N LYS B 3 16.17 6.29 33.36
CA LYS B 3 14.85 6.03 32.61
C LYS B 3 14.82 6.88 31.33
N TRP B 4 14.10 6.40 30.32
CA TRP B 4 13.96 7.12 29.03
C TRP B 4 12.82 6.46 28.29
N THR B 5 12.17 7.18 27.39
CA THR B 5 10.99 6.69 26.62
C THR B 5 11.07 7.23 25.18
N TYR B 6 10.01 6.97 24.43
CA TYR B 6 9.80 7.46 23.06
C TYR B 6 8.66 8.48 23.03
N PHE B 7 8.10 8.89 24.19
CA PHE B 7 7.00 9.88 24.21
C PHE B 7 7.21 10.89 25.35
N GLY B 8 7.10 12.18 24.99
CA GLY B 8 7.00 13.29 25.96
C GLY B 8 8.31 13.60 26.68
N PRO B 9 8.27 14.14 27.92
CA PRO B 9 9.47 14.74 28.52
C PRO B 9 10.75 13.89 28.43
N ASP B 10 10.67 12.56 28.57
CA ASP B 10 11.84 11.65 28.67
C ASP B 10 12.15 11.07 27.27
N GLY B 11 11.50 11.64 26.27
CA GLY B 11 11.62 11.27 24.85
C GLY B 11 12.97 11.60 24.23
N GLU B 12 13.07 11.28 22.94
CA GLU B 12 14.35 11.15 22.20
C GLU B 12 15.00 12.53 22.05
N ASN B 13 14.21 13.61 22.07
CA ASN B 13 14.84 14.95 22.07
C ASN B 13 15.48 15.22 23.45
N SER B 14 15.05 14.53 24.52
CA SER B 14 15.60 14.72 25.89
C SER B 14 16.74 13.73 26.18
N TRP B 15 16.96 12.70 25.35
CA TRP B 15 17.92 11.59 25.70
C TRP B 15 19.32 12.15 25.98
N SER B 16 19.80 13.04 25.12
CA SER B 16 21.11 13.73 25.18
C SER B 16 21.35 14.35 26.55
N LYS B 17 20.29 14.70 27.27
CA LYS B 17 20.42 15.34 28.60
C LYS B 17 21.16 14.39 29.55
N LYS B 18 20.93 13.09 29.39
CA LYS B 18 21.44 12.04 30.29
C LYS B 18 22.48 11.16 29.59
N TYR B 19 22.49 11.11 28.28
CA TYR B 19 23.26 10.11 27.51
C TYR B 19 23.92 10.86 26.38
N PRO B 20 25.12 11.43 26.64
CA PRO B 20 25.68 12.42 25.72
C PRO B 20 25.86 11.94 24.26
N SER B 21 26.18 10.66 23.99
CA SER B 21 26.40 10.23 22.59
C SER B 21 25.08 10.36 21.80
N CYS B 22 23.94 10.44 22.48
CA CYS B 22 22.61 10.70 21.87
C CYS B 22 22.59 12.06 21.14
N GLY B 23 23.43 13.02 21.55
CA GLY B 23 23.62 14.29 20.84
C GLY B 23 24.96 14.37 20.14
N GLY B 24 25.55 13.21 19.84
CA GLY B 24 26.86 13.06 19.23
C GLY B 24 26.76 12.90 17.72
N LEU B 25 27.87 12.48 17.12
CA LEU B 25 27.96 12.10 15.69
C LEU B 25 27.50 10.65 15.44
N LEU B 26 27.19 10.38 14.16
CA LEU B 26 27.05 9.07 13.50
C LEU B 26 25.88 8.30 14.09
N GLN B 27 24.77 9.01 14.25
CA GLN B 27 23.57 8.50 14.93
C GLN B 27 22.74 7.74 13.87
N SER B 28 22.09 6.68 14.33
CA SER B 28 21.06 5.93 13.59
C SER B 28 19.71 6.11 14.26
N PRO B 29 18.60 5.88 13.53
CA PRO B 29 18.65 5.40 12.16
C PRO B 29 18.66 6.56 11.18
N ILE B 30 18.49 6.22 9.92
CA ILE B 30 18.55 7.19 8.80
C ILE B 30 17.59 6.73 7.70
N ASP B 31 17.29 7.68 6.83
CA ASP B 31 16.52 7.50 5.58
C ASP B 31 17.45 6.99 4.48
N LEU B 32 17.12 5.84 3.91
CA LEU B 32 17.84 5.25 2.74
C LEU B 32 17.24 5.85 1.47
N HIS B 33 17.99 6.73 0.80
CA HIS B 33 17.53 7.42 -0.43
C HIS B 33 18.69 7.56 -1.43
N SER B 34 18.40 7.66 -2.72
CA SER B 34 19.39 7.40 -3.79
C SER B 34 20.56 8.39 -3.73
N ASP B 35 20.33 9.63 -3.30
CA ASP B 35 21.37 10.68 -3.31
C ASP B 35 22.53 10.31 -2.39
N ILE B 36 22.35 9.43 -1.42
CA ILE B 36 23.46 9.13 -0.46
C ILE B 36 23.90 7.67 -0.51
N LEU B 37 23.53 6.94 -1.56
CA LEU B 37 23.94 5.52 -1.78
C LEU B 37 25.24 5.48 -2.59
N GLN B 38 26.09 4.51 -2.34
CA GLN B 38 27.42 4.39 -2.98
C GLN B 38 27.73 2.91 -3.16
N TYR B 39 27.70 2.42 -4.41
CA TYR B 39 28.02 1.01 -4.70
C TYR B 39 29.48 0.76 -4.32
N ASP B 40 29.72 -0.34 -3.62
CA ASP B 40 31.04 -0.73 -3.06
C ASP B 40 31.24 -2.21 -3.36
N ALA B 41 32.20 -2.53 -4.23
CA ALA B 41 32.57 -3.90 -4.68
C ALA B 41 33.15 -4.75 -3.54
N SER B 42 33.63 -4.18 -2.42
CA SER B 42 34.11 -4.89 -1.21
C SER B 42 32.97 -5.37 -0.32
N LEU B 43 31.70 -5.10 -0.61
CA LEU B 43 30.57 -5.59 0.23
C LEU B 43 30.21 -6.99 -0.24
N THR B 44 31.00 -7.97 0.21
CA THR B 44 30.82 -9.43 -0.07
C THR B 44 29.69 -9.92 0.82
N PRO B 45 29.04 -11.02 0.39
CA PRO B 45 27.98 -11.66 1.16
C PRO B 45 28.47 -12.03 2.56
N LEU B 46 27.63 -11.82 3.57
CA LEU B 46 27.84 -12.34 4.94
C LEU B 46 27.46 -13.82 4.99
N GLU B 47 28.09 -14.52 5.95
CA GLU B 47 27.84 -15.93 6.34
C GLU B 47 27.14 -15.95 7.69
N PHE B 48 25.99 -16.60 7.77
CA PHE B 48 25.21 -16.80 9.02
C PHE B 48 25.51 -18.19 9.59
N GLN B 49 26.45 -18.25 10.54
CA GLN B 49 26.95 -19.46 11.23
C GLN B 49 26.18 -19.67 12.56
N GLY B 50 25.63 -20.86 12.77
CA GLY B 50 25.06 -21.24 14.08
C GLY B 50 23.71 -20.59 14.33
N TYR B 51 23.10 -20.06 13.27
CA TYR B 51 21.73 -19.48 13.24
C TYR B 51 20.69 -20.57 13.39
N ASN B 52 21.01 -21.83 13.05
CA ASN B 52 20.00 -22.93 13.12
C ASN B 52 19.92 -23.44 14.56
N LEU B 53 19.10 -22.82 15.39
CA LEU B 53 18.96 -23.17 16.83
C LEU B 53 18.09 -24.43 16.95
N SER B 54 18.46 -25.36 17.83
CA SER B 54 17.68 -26.61 18.07
C SER B 54 16.32 -26.23 18.67
N ALA B 55 15.25 -26.78 18.12
CA ALA B 55 13.86 -26.69 18.60
C ALA B 55 13.76 -27.46 19.93
N ASN B 56 14.74 -28.28 20.25
CA ASN B 56 14.86 -28.99 21.55
C ASN B 56 15.52 -28.10 22.58
N LYS B 57 16.17 -27.02 22.17
CA LYS B 57 16.75 -26.07 23.15
C LYS B 57 15.78 -24.90 23.36
N GLN B 58 15.95 -24.22 24.50
CA GLN B 58 15.13 -23.07 24.96
C GLN B 58 16.02 -21.82 24.94
N PHE B 59 15.44 -20.68 24.63
CA PHE B 59 16.09 -19.35 24.66
C PHE B 59 15.14 -18.37 25.33
N LEU B 60 15.71 -17.43 26.09
CA LEU B 60 14.94 -16.51 26.94
C LEU B 60 14.38 -15.34 26.11
N LEU B 61 13.05 -15.19 26.11
CA LEU B 61 12.33 -13.97 25.67
C LEU B 61 12.13 -13.10 26.90
N THR B 62 12.50 -11.82 26.79
CA THR B 62 12.40 -10.81 27.87
C THR B 62 11.69 -9.53 27.39
N ASN B 63 10.79 -9.00 28.21
CA ASN B 63 10.27 -7.61 28.10
C ASN B 63 11.25 -6.73 28.85
N ASN B 64 11.95 -5.83 28.19
CA ASN B 64 12.91 -5.01 28.97
C ASN B 64 12.32 -3.60 29.23
N GLY B 65 11.06 -3.36 28.92
CA GLY B 65 10.45 -2.03 29.13
C GLY B 65 10.45 -1.19 27.87
N HIS B 66 11.25 -1.61 26.87
CA HIS B 66 11.54 -0.84 25.62
C HIS B 66 11.17 -1.65 24.38
N SER B 67 11.37 -2.96 24.41
CA SER B 67 11.07 -3.89 23.31
C SER B 67 10.95 -5.27 23.94
N VAL B 68 10.63 -6.28 23.14
CA VAL B 68 10.72 -7.69 23.59
C VAL B 68 12.00 -8.23 22.98
N LYS B 69 12.80 -8.95 23.73
CA LYS B 69 14.07 -9.40 23.17
C LYS B 69 14.28 -10.87 23.45
N LEU B 70 14.91 -11.55 22.49
CA LEU B 70 15.26 -13.00 22.54
C LEU B 70 16.78 -13.12 22.66
N ASN B 71 17.26 -13.66 23.78
CA ASN B 71 18.71 -13.86 24.05
C ASN B 71 19.25 -14.89 23.05
N LEU B 72 20.39 -14.60 22.44
CA LEU B 72 20.99 -15.52 21.46
C LEU B 72 22.30 -16.04 22.02
N PRO B 73 22.67 -17.32 21.72
CA PRO B 73 23.98 -17.84 22.12
C PRO B 73 25.05 -17.21 21.22
N SER B 74 26.20 -16.95 21.84
CA SER B 74 27.43 -16.38 21.25
C SER B 74 28.07 -17.37 20.28
N ASP B 75 27.69 -18.65 20.31
CA ASP B 75 28.14 -19.64 19.28
C ASP B 75 27.55 -19.22 17.93
N MET B 76 26.42 -18.55 17.87
CA MET B 76 25.93 -18.07 16.60
C MET B 76 26.61 -16.74 16.20
N HIS B 77 27.05 -16.61 14.96
CA HIS B 77 27.80 -15.45 14.50
C HIS B 77 27.83 -15.14 13.02
N ILE B 78 28.37 -13.97 12.70
CA ILE B 78 28.53 -13.43 11.33
C ILE B 78 29.95 -13.72 10.88
N GLN B 79 30.13 -14.21 9.65
CA GLN B 79 31.44 -14.14 8.98
C GLN B 79 31.36 -13.19 7.78
N GLY B 80 32.42 -12.51 7.48
CA GLY B 80 32.39 -11.59 6.39
C GLY B 80 32.76 -10.21 6.76
N LEU B 81 32.86 -9.90 8.04
CA LEU B 81 33.32 -8.60 8.55
C LEU B 81 34.82 -8.57 8.92
N GLN B 82 35.35 -7.47 9.48
CA GLN B 82 36.80 -7.38 9.73
C GLN B 82 37.16 -8.24 10.94
N SER B 83 36.19 -8.46 11.81
CA SER B 83 36.34 -9.33 13.00
C SER B 83 35.17 -10.31 13.02
N ARG B 84 35.28 -11.35 13.84
CA ARG B 84 34.13 -12.20 14.16
C ARG B 84 33.20 -11.42 15.08
N TYR B 85 31.90 -11.49 14.79
CA TYR B 85 30.80 -10.82 15.52
C TYR B 85 29.86 -11.91 15.96
N SER B 86 29.86 -12.18 17.27
CA SER B 86 29.04 -13.24 17.91
C SER B 86 27.69 -12.64 18.35
N ALA B 87 26.56 -13.33 18.10
CA ALA B 87 25.22 -12.83 18.48
C ALA B 87 25.12 -12.65 19.99
N THR B 88 24.31 -11.68 20.42
CA THR B 88 23.89 -11.49 21.84
C THR B 88 22.36 -11.53 21.98
N GLN B 89 21.61 -10.91 21.06
CA GLN B 89 20.13 -10.89 21.15
C GLN B 89 19.52 -10.37 19.86
N LEU B 90 18.21 -10.57 19.72
CA LEU B 90 17.40 -9.86 18.72
C LEU B 90 16.21 -9.19 19.42
N HIS B 91 15.60 -8.25 18.70
CA HIS B 91 14.47 -7.46 19.18
C HIS B 91 13.83 -6.77 17.98
N LEU B 92 12.74 -6.05 18.25
CA LEU B 92 11.85 -5.44 17.25
C LEU B 92 11.55 -3.99 17.66
N HIS B 93 11.19 -3.18 16.67
CA HIS B 93 10.60 -1.84 16.79
C HIS B 93 9.33 -1.80 15.92
N TRP B 94 8.28 -1.10 16.38
CA TRP B 94 6.96 -1.12 15.69
C TRP B 94 6.18 0.15 15.99
N GLY B 95 5.03 0.30 15.34
CA GLY B 95 4.13 1.45 15.52
C GLY B 95 3.05 1.20 16.57
N ASN B 96 1.80 1.20 16.12
CA ASN B 96 0.59 1.22 16.96
C ASN B 96 -0.58 0.86 16.06
N PRO B 97 -1.67 0.30 16.61
CA PRO B 97 -2.80 -0.14 15.78
C PRO B 97 -3.30 0.88 14.75
N ASN B 98 -3.30 2.16 15.14
CA ASN B 98 -3.76 3.32 14.33
C ASN B 98 -2.68 3.75 13.33
N ASP B 99 -1.41 3.47 13.56
CA ASP B 99 -0.31 3.91 12.66
C ASP B 99 0.71 2.77 12.57
N PRO B 100 0.37 1.69 11.85
CA PRO B 100 1.27 0.55 11.74
C PRO B 100 2.46 0.78 10.78
N HIS B 101 3.36 1.72 11.16
CA HIS B 101 4.55 2.18 10.39
C HIS B 101 5.67 2.62 11.34
N GLY B 102 6.31 1.67 12.04
CA GLY B 102 7.26 1.97 13.13
C GLY B 102 8.62 1.37 12.88
N SER B 103 9.01 1.09 11.64
CA SER B 103 10.40 0.80 11.24
C SER B 103 11.27 1.95 11.74
N GLU B 104 12.54 1.68 11.98
CA GLU B 104 13.50 2.76 12.34
C GLU B 104 14.05 3.38 11.04
N HIS B 105 14.73 2.58 10.22
CA HIS B 105 15.19 3.04 8.89
C HIS B 105 13.95 3.26 8.03
N THR B 106 13.96 4.33 7.23
CA THR B 106 12.93 4.52 6.19
C THR B 106 13.57 4.28 4.81
N VAL B 107 12.78 4.05 3.78
CA VAL B 107 13.31 4.05 2.38
C VAL B 107 12.58 5.13 1.59
N SER B 108 13.32 6.15 1.15
CA SER B 108 12.78 7.31 0.42
C SER B 108 11.68 7.93 1.23
N GLY B 109 11.92 8.12 2.53
CA GLY B 109 10.99 8.84 3.44
C GLY B 109 9.83 7.96 3.93
N GLN B 110 9.76 6.69 3.52
CA GLN B 110 8.64 5.79 3.90
C GLN B 110 9.10 4.87 5.04
N HIS B 111 8.26 4.78 6.06
CA HIS B 111 8.36 3.74 7.11
C HIS B 111 7.77 2.44 6.60
N PHE B 112 8.39 1.34 7.02
CA PHE B 112 7.80 -0.02 7.00
C PHE B 112 6.98 -0.22 8.28
N ALA B 113 6.14 -1.25 8.29
CA ALA B 113 5.32 -1.66 9.46
C ALA B 113 6.18 -1.69 10.72
N ALA B 114 7.36 -2.30 10.61
CA ALA B 114 8.17 -2.71 11.75
C ALA B 114 9.57 -3.06 11.23
N GLU B 115 10.46 -3.45 12.16
CA GLU B 115 11.90 -3.67 11.91
C GLU B 115 12.43 -4.62 12.97
N LEU B 116 13.12 -5.68 12.52
CA LEU B 116 13.88 -6.62 13.34
C LEU B 116 15.35 -6.23 13.35
N HIS B 117 15.92 -6.27 14.56
CA HIS B 117 17.36 -6.02 14.76
C HIS B 117 18.01 -7.27 15.35
N ILE B 118 19.02 -7.83 14.64
CA ILE B 118 19.81 -8.98 15.15
C ILE B 118 21.17 -8.41 15.55
N VAL B 119 21.44 -8.37 16.84
CA VAL B 119 22.55 -7.60 17.44
C VAL B 119 23.67 -8.61 17.74
N HIS B 120 24.88 -8.28 17.26
CA HIS B 120 26.15 -9.00 17.53
C HIS B 120 27.24 -8.05 18.06
N TYR B 121 28.16 -8.59 18.83
CA TYR B 121 29.34 -7.88 19.40
C TYR B 121 30.65 -8.48 18.82
N ASN B 122 31.71 -7.67 18.78
CA ASN B 122 33.07 -8.06 18.35
C ASN B 122 33.69 -8.97 19.42
N SER B 123 33.55 -10.27 19.22
CA SER B 123 34.00 -11.30 20.18
C SER B 123 35.52 -11.46 20.12
N ASP B 124 36.20 -10.95 19.09
CA ASP B 124 37.69 -10.99 18.99
C ASP B 124 38.34 -9.96 19.91
N LEU B 125 37.65 -8.85 20.24
CA LEU B 125 38.14 -7.70 21.06
C LEU B 125 37.58 -7.72 22.49
N TYR B 126 36.32 -8.16 22.69
CA TYR B 126 35.53 -7.92 23.91
C TYR B 126 34.90 -9.23 24.36
N PRO B 127 34.71 -9.44 25.68
CA PRO B 127 34.11 -10.66 26.20
C PRO B 127 32.58 -10.72 26.08
N ASP B 128 31.88 -9.58 26.03
CA ASP B 128 30.40 -9.56 26.01
C ASP B 128 29.90 -8.28 25.33
N ALA B 129 28.60 -8.21 25.02
CA ALA B 129 27.98 -7.11 24.23
C ALA B 129 28.01 -5.80 25.01
N SER B 130 27.68 -5.88 26.31
CA SER B 130 27.83 -4.81 27.33
C SER B 130 29.20 -4.10 27.25
N THR B 131 30.29 -4.86 27.37
CA THR B 131 31.69 -4.34 27.32
C THR B 131 32.00 -3.77 25.92
N ALA B 132 31.54 -4.40 24.84
CA ALA B 132 31.73 -3.94 23.44
C ALA B 132 30.99 -2.62 23.20
N SER B 133 29.83 -2.51 23.81
CA SER B 133 28.79 -1.44 23.73
C SER B 133 29.34 -0.02 23.50
N ASN B 134 30.38 0.39 24.23
CA ASN B 134 30.92 1.78 24.15
C ASN B 134 32.39 1.79 23.70
N LYS B 135 32.74 0.84 22.84
CA LYS B 135 34.14 0.68 22.39
C LYS B 135 34.14 0.60 20.86
N SER B 136 35.22 1.06 20.25
CA SER B 136 35.40 1.02 18.79
C SER B 136 35.06 -0.37 18.28
N GLU B 137 34.40 -0.46 17.13
CA GLU B 137 34.19 -1.75 16.42
C GLU B 137 33.44 -2.72 17.34
N GLY B 138 32.78 -2.19 18.37
CA GLY B 138 32.07 -2.98 19.39
C GLY B 138 30.98 -3.82 18.77
N LEU B 139 30.15 -3.28 17.87
CA LEU B 139 28.84 -3.92 17.55
C LEU B 139 28.58 -4.01 16.04
N ALA B 140 27.67 -4.91 15.69
CA ALA B 140 27.24 -5.13 14.30
C ALA B 140 25.78 -5.59 14.33
N VAL B 141 24.85 -4.79 13.84
CA VAL B 141 23.40 -5.15 13.83
C VAL B 141 23.00 -5.46 12.37
N LEU B 142 22.30 -6.57 12.19
CA LEU B 142 21.48 -6.83 10.97
C LEU B 142 20.09 -6.25 11.15
N ALA B 143 19.65 -5.41 10.23
CA ALA B 143 18.27 -4.89 10.20
C ALA B 143 17.46 -5.54 9.05
N VAL B 144 16.23 -5.94 9.37
CA VAL B 144 15.26 -6.56 8.44
C VAL B 144 14.02 -5.68 8.49
N LEU B 145 13.71 -5.03 7.37
CA LEU B 145 12.49 -4.19 7.24
C LEU B 145 11.29 -5.14 7.19
N ILE B 146 10.20 -4.80 7.87
CA ILE B 146 8.98 -5.65 7.95
C ILE B 146 7.79 -4.91 7.35
N GLU B 147 7.15 -5.54 6.37
CA GLU B 147 6.01 -5.05 5.58
C GLU B 147 4.75 -5.83 5.98
N MET B 148 3.62 -5.18 5.97
CA MET B 148 2.36 -5.88 6.30
C MET B 148 2.06 -6.73 5.07
N GLY B 149 1.79 -8.02 5.28
CA GLY B 149 1.65 -8.99 4.19
C GLY B 149 1.07 -10.31 4.66
N SER B 150 1.53 -11.42 4.08
CA SER B 150 1.14 -12.79 4.52
C SER B 150 1.73 -13.05 5.91
N PHE B 151 0.99 -13.81 6.71
CA PHE B 151 1.37 -14.45 7.99
C PHE B 151 2.72 -15.15 7.85
N ASN B 152 3.55 -15.01 8.86
CA ASN B 152 4.94 -15.50 8.86
C ASN B 152 5.06 -16.50 10.00
N PRO B 153 5.09 -17.83 9.69
CA PRO B 153 5.06 -18.87 10.71
C PRO B 153 6.33 -18.74 11.55
N SER B 154 7.44 -18.43 10.90
CA SER B 154 8.78 -18.21 11.53
C SER B 154 8.74 -17.04 12.49
N TYR B 155 8.29 -15.85 12.09
CA TYR B 155 8.16 -14.72 13.08
C TYR B 155 7.20 -15.12 14.21
N ASP B 156 6.25 -16.02 13.94
CA ASP B 156 5.27 -16.38 14.99
C ASP B 156 5.91 -17.18 16.12
N LYS B 157 7.10 -17.74 15.87
CA LYS B 157 7.84 -18.52 16.89
C LYS B 157 8.28 -17.56 18.00
N ILE B 158 8.38 -16.26 17.69
CA ILE B 158 8.55 -15.17 18.69
C ILE B 158 7.15 -14.74 19.17
N PHE B 159 6.22 -14.43 18.26
CA PHE B 159 4.97 -13.69 18.58
C PHE B 159 3.97 -14.52 19.38
N SER B 160 3.96 -15.84 19.19
CA SER B 160 3.00 -16.73 19.89
C SER B 160 3.32 -16.74 21.39
N HIS B 161 4.48 -16.23 21.79
CA HIS B 161 4.90 -16.13 23.22
C HIS B 161 4.76 -14.72 23.76
N LEU B 162 4.36 -13.70 22.99
CA LEU B 162 4.23 -12.32 23.56
C LEU B 162 3.37 -12.35 24.85
N GLN B 163 2.36 -13.21 24.91
CA GLN B 163 1.44 -13.43 26.08
C GLN B 163 2.18 -13.54 27.42
N HIS B 164 3.37 -14.11 27.44
CA HIS B 164 4.05 -14.47 28.70
C HIS B 164 5.00 -13.34 29.11
N VAL B 165 5.07 -12.26 28.32
CA VAL B 165 6.04 -11.17 28.60
C VAL B 165 5.32 -9.85 28.46
N LYS B 166 4.07 -9.82 28.88
CA LYS B 166 3.23 -8.60 28.76
C LYS B 166 3.88 -7.42 29.52
N TYR B 167 4.58 -7.63 30.63
CA TYR B 167 5.11 -6.54 31.48
C TYR B 167 6.63 -6.55 31.62
N LYS B 168 7.18 -5.35 31.74
CA LYS B 168 8.61 -5.10 32.03
C LYS B 168 9.09 -6.12 33.06
N GLY B 169 10.19 -6.82 32.74
CA GLY B 169 10.84 -7.76 33.65
C GLY B 169 10.36 -9.19 33.45
N GLN B 170 9.27 -9.43 32.73
CA GLN B 170 8.76 -10.82 32.50
C GLN B 170 9.58 -11.51 31.41
N GLU B 171 9.66 -12.84 31.51
CA GLU B 171 10.63 -13.69 30.78
C GLU B 171 9.98 -15.03 30.46
N ALA B 172 10.18 -15.54 29.26
CA ALA B 172 9.67 -16.87 28.90
C ALA B 172 10.71 -17.55 28.03
N PHE B 173 10.92 -18.82 28.27
CA PHE B 173 11.78 -19.69 27.46
C PHE B 173 11.00 -20.01 26.19
N VAL B 174 11.71 -19.97 25.06
CA VAL B 174 11.16 -20.15 23.68
C VAL B 174 12.00 -21.20 22.97
N PRO B 175 11.34 -22.11 22.24
CA PRO B 175 12.07 -23.14 21.49
C PRO B 175 13.00 -22.50 20.46
N GLY B 176 14.24 -22.96 20.40
CA GLY B 176 15.11 -22.66 19.25
C GLY B 176 14.36 -22.84 17.94
N PHE B 177 14.72 -22.02 16.95
CA PHE B 177 14.40 -22.23 15.52
C PHE B 177 15.53 -21.64 14.67
N ASN B 178 15.43 -21.83 13.34
CA ASN B 178 16.45 -21.35 12.38
C ASN B 178 16.22 -19.86 12.21
N ILE B 179 17.08 -19.09 12.84
CA ILE B 179 16.96 -17.61 12.85
C ILE B 179 17.11 -17.08 11.43
N GLU B 180 17.74 -17.81 10.52
CA GLU B 180 17.81 -17.44 9.07
C GLU B 180 16.41 -17.36 8.43
N GLU B 181 15.43 -18.12 8.95
CA GLU B 181 14.03 -18.01 8.46
C GLU B 181 13.52 -16.57 8.69
N LEU B 182 14.04 -15.82 9.65
CA LEU B 182 13.65 -14.40 9.86
C LEU B 182 14.21 -13.50 8.78
N LEU B 183 15.17 -13.99 7.98
CA LEU B 183 15.90 -13.18 6.97
C LEU B 183 15.14 -13.11 5.66
N PRO B 184 15.24 -11.98 4.92
CA PRO B 184 14.55 -11.84 3.64
C PRO B 184 15.37 -12.52 2.53
N GLU B 185 14.93 -12.42 1.28
CA GLU B 185 15.68 -13.08 0.20
C GLU B 185 16.86 -12.19 -0.21
N ARG B 186 17.89 -12.82 -0.76
CA ARG B 186 19.03 -12.10 -1.34
C ARG B 186 19.62 -11.25 -0.20
N THR B 187 19.96 -11.91 0.89
CA THR B 187 20.73 -11.29 2.00
C THR B 187 22.05 -10.71 1.45
N ALA B 188 22.49 -11.10 0.24
CA ALA B 188 23.66 -10.49 -0.44
C ALA B 188 23.36 -9.03 -0.87
N GLU B 189 22.11 -8.67 -1.13
CA GLU B 189 21.73 -7.25 -1.40
C GLU B 189 21.45 -6.54 -0.07
N TYR B 190 22.37 -5.67 0.38
CA TYR B 190 22.18 -4.87 1.61
C TYR B 190 22.76 -3.45 1.48
N TYR B 191 22.30 -2.61 2.40
CA TYR B 191 22.88 -1.29 2.73
C TYR B 191 23.82 -1.48 3.92
N ARG B 192 24.92 -0.71 3.96
CA ARG B 192 25.98 -0.76 4.99
C ARG B 192 26.41 0.67 5.36
N TYR B 193 26.43 1.01 6.63
CA TYR B 193 26.94 2.32 7.07
C TYR B 193 27.34 2.28 8.55
N ARG B 194 28.14 3.26 8.96
CA ARG B 194 28.62 3.43 10.36
C ARG B 194 27.55 4.25 11.09
N GLY B 195 27.06 3.73 12.22
CA GLY B 195 26.02 4.36 13.05
C GLY B 195 26.14 4.03 14.53
N SER B 196 25.00 3.99 15.22
CA SER B 196 24.94 4.00 16.70
C SER B 196 23.86 3.03 17.20
N LEU B 197 23.84 2.78 18.49
CA LEU B 197 22.57 2.34 19.14
C LEU B 197 21.50 3.33 18.67
N THR B 198 20.28 2.86 18.37
CA THR B 198 19.08 3.72 18.14
C THR B 198 18.40 4.07 19.48
N THR B 199 18.95 3.53 20.57
CA THR B 199 18.52 3.79 21.96
C THR B 199 19.70 4.21 22.81
N PRO B 200 19.42 4.93 23.92
CA PRO B 200 20.46 5.31 24.87
C PRO B 200 21.25 4.07 25.23
N PRO B 201 22.58 4.16 25.38
CA PRO B 201 23.31 5.43 25.32
C PRO B 201 23.72 5.98 23.94
N CYS B 202 23.18 5.43 22.85
CA CYS B 202 23.36 5.93 21.46
C CYS B 202 24.85 5.92 21.08
N ASN B 203 25.60 4.96 21.58
CA ASN B 203 27.05 4.85 21.28
C ASN B 203 27.27 4.73 19.78
N PRO B 204 28.24 5.49 19.18
CA PRO B 204 28.50 5.47 17.73
C PRO B 204 29.45 4.35 17.29
N THR B 205 29.06 3.12 17.61
CA THR B 205 29.92 1.93 17.71
C THR B 205 29.34 0.78 16.89
N VAL B 206 28.41 1.08 15.98
CA VAL B 206 27.58 0.04 15.33
C VAL B 206 27.83 0.07 13.82
N LEU B 207 28.27 -1.05 13.30
CA LEU B 207 28.29 -1.30 11.84
C LEU B 207 26.89 -1.81 11.51
N TRP B 208 26.12 -0.99 10.82
CA TRP B 208 24.73 -1.33 10.48
C TRP B 208 24.77 -2.15 9.20
N THR B 209 23.96 -3.20 9.11
CA THR B 209 23.65 -3.82 7.81
C THR B 209 22.15 -3.97 7.70
N VAL B 210 21.55 -3.26 6.75
CA VAL B 210 20.09 -3.27 6.52
C VAL B 210 19.86 -4.04 5.23
N PHE B 211 19.16 -5.16 5.30
CA PHE B 211 18.87 -5.97 4.09
C PHE B 211 18.03 -5.11 3.16
N ARG B 212 18.24 -5.31 1.86
CA ARG B 212 17.55 -4.55 0.79
C ARG B 212 16.05 -4.91 0.73
N ASN B 213 15.71 -6.19 0.74
CA ASN B 213 14.30 -6.67 0.63
C ASN B 213 13.71 -6.80 2.03
N PRO B 214 12.40 -6.51 2.17
CA PRO B 214 11.68 -6.69 3.43
C PRO B 214 11.21 -8.16 3.49
N VAL B 215 10.85 -8.60 4.70
CA VAL B 215 10.05 -9.83 4.95
C VAL B 215 8.63 -9.31 5.15
N GLN B 216 7.66 -10.23 5.27
CA GLN B 216 6.20 -9.97 5.45
C GLN B 216 5.76 -10.62 6.76
N ILE B 217 4.97 -9.90 7.54
CA ILE B 217 4.12 -10.47 8.61
C ILE B 217 2.73 -9.87 8.39
N SER B 218 1.70 -10.59 8.81
CA SER B 218 0.26 -10.26 8.68
C SER B 218 -0.14 -9.10 9.60
N GLN B 219 -1.25 -8.47 9.22
CA GLN B 219 -2.04 -7.51 10.04
C GLN B 219 -2.20 -8.04 11.48
N GLU B 220 -2.64 -9.30 11.65
CA GLU B 220 -2.93 -9.92 12.97
C GLU B 220 -1.64 -9.99 13.81
N GLN B 221 -0.53 -10.32 13.19
CA GLN B 221 0.77 -10.43 13.90
C GLN B 221 1.17 -9.05 14.42
N LEU B 222 1.01 -8.02 13.59
CA LEU B 222 1.36 -6.63 13.96
C LEU B 222 0.42 -6.16 15.05
N LEU B 223 -0.89 -6.42 14.89
CA LEU B 223 -1.88 -6.02 15.91
C LEU B 223 -1.43 -6.60 17.25
N ALA B 224 -1.08 -7.89 17.24
CA ALA B 224 -0.62 -8.64 18.43
C ALA B 224 0.62 -7.97 19.04
N LEU B 225 1.67 -7.78 18.26
CA LEU B 225 2.92 -7.11 18.71
C LEU B 225 2.58 -5.70 19.21
N GLU B 226 1.67 -4.96 18.56
CA GLU B 226 1.36 -3.54 18.93
C GLU B 226 0.47 -3.49 20.18
N THR B 227 -0.16 -4.59 20.58
CA THR B 227 -1.15 -4.58 21.68
C THR B 227 -0.73 -5.49 22.83
N ALA B 228 0.29 -6.33 22.69
CA ALA B 228 0.61 -7.36 23.71
C ALA B 228 1.30 -6.76 24.91
N LEU B 229 2.14 -5.74 24.69
CA LEU B 229 3.29 -5.42 25.56
C LEU B 229 3.12 -4.05 26.25
N TYR B 230 3.69 -3.94 27.46
CA TYR B 230 3.76 -2.72 28.30
C TYR B 230 5.22 -2.43 28.66
N CYS B 231 5.56 -1.14 28.66
CA CYS B 231 6.88 -0.66 29.12
C CYS B 231 7.01 -0.80 30.63
N THR B 232 5.91 -1.05 31.32
CA THR B 232 5.77 -0.85 32.78
C THR B 232 5.68 -2.23 33.45
N HIS B 233 6.08 -2.30 34.73
CA HIS B 233 5.92 -3.52 35.58
C HIS B 233 4.43 -3.79 35.74
N MET B 234 4.08 -5.05 35.95
CA MET B 234 2.68 -5.51 35.99
C MET B 234 1.89 -4.69 37.02
N ASP B 235 2.61 -4.24 38.04
CA ASP B 235 2.07 -3.54 39.23
C ASP B 235 2.38 -2.05 39.23
N ASP B 236 2.71 -1.42 38.10
CA ASP B 236 2.91 0.05 37.98
C ASP B 236 1.55 0.71 37.87
N PRO B 237 1.27 1.79 38.62
CA PRO B 237 0.00 2.52 38.47
C PRO B 237 -0.01 3.64 37.40
N SER B 238 1.11 3.85 36.73
CA SER B 238 1.16 4.64 35.49
C SER B 238 1.61 3.72 34.37
N PRO B 239 0.77 2.74 33.96
CA PRO B 239 1.12 1.86 32.84
C PRO B 239 1.27 2.64 31.53
N ARG B 240 2.29 2.28 30.74
CA ARG B 240 2.53 2.83 29.38
C ARG B 240 2.63 1.63 28.44
N GLU B 241 1.71 1.57 27.49
CA GLU B 241 1.66 0.63 26.34
C GLU B 241 3.00 0.63 25.59
N MET B 242 3.54 -0.53 25.24
CA MET B 242 4.82 -0.52 24.46
C MET B 242 4.47 -0.35 22.97
N ILE B 243 4.48 0.90 22.51
CA ILE B 243 4.14 1.27 21.10
C ILE B 243 5.09 2.37 20.63
N ASN B 244 5.16 2.57 19.31
CA ASN B 244 5.95 3.65 18.66
C ASN B 244 7.37 3.67 19.26
N ASN B 245 7.97 2.49 19.44
CA ASN B 245 9.30 2.33 20.09
C ASN B 245 10.37 2.45 19.00
N PHE B 246 10.30 3.55 18.27
CA PHE B 246 11.15 3.83 17.10
C PHE B 246 11.67 5.27 17.22
N ARG B 247 12.95 5.46 16.89
CA ARG B 247 13.64 6.75 16.89
C ARG B 247 13.47 7.38 15.50
N GLN B 248 13.36 8.72 15.46
CA GLN B 248 13.25 9.48 14.19
C GLN B 248 14.57 9.32 13.42
N VAL B 249 14.51 9.27 12.10
CA VAL B 249 15.77 9.25 11.30
C VAL B 249 16.60 10.47 11.72
N GLN B 250 17.93 10.35 11.55
CA GLN B 250 18.98 11.28 12.01
C GLN B 250 19.73 11.94 10.83
N LYS B 251 20.41 13.06 11.12
CA LYS B 251 21.32 13.75 10.17
C LYS B 251 22.50 12.84 9.78
N PHE B 252 22.94 12.96 8.52
CA PHE B 252 23.93 12.07 7.87
C PHE B 252 25.34 12.36 8.38
N ASP B 253 25.60 13.59 8.82
CA ASP B 253 26.96 14.00 9.26
C ASP B 253 27.99 13.62 8.18
N GLU B 254 27.79 13.97 6.91
CA GLU B 254 28.81 13.76 5.86
C GLU B 254 28.98 12.26 5.51
N ARG B 255 28.13 11.36 6.03
CA ARG B 255 28.28 9.91 5.77
C ARG B 255 27.74 9.53 4.37
N LEU B 256 28.15 8.36 3.88
CA LEU B 256 27.42 7.68 2.79
C LEU B 256 26.95 6.33 3.32
N VAL B 257 26.02 5.72 2.57
CA VAL B 257 25.49 4.34 2.73
C VAL B 257 26.00 3.53 1.53
N TYR B 258 26.97 2.66 1.77
CA TYR B 258 27.55 1.78 0.74
C TYR B 258 26.59 0.63 0.52
N THR B 259 26.36 0.27 -0.74
CA THR B 259 25.43 -0.81 -1.15
C THR B 259 26.19 -1.91 -1.89
N SER B 260 25.71 -3.13 -1.79
CA SER B 260 26.29 -4.32 -2.46
C SER B 260 25.61 -4.51 -3.84
N PHE B 261 24.81 -3.53 -4.27
CA PHE B 261 23.99 -3.57 -5.50
C PHE B 261 23.93 -2.16 -6.11
N SER B 262 23.72 -2.05 -7.43
CA SER B 262 23.69 -0.73 -8.12
C SER B 262 22.46 -0.61 -9.03
N LYS C 3 1.92 0.25 -0.80
CA LYS C 3 1.72 0.25 -2.31
C LYS C 3 0.65 -0.79 -2.65
N TRP C 4 0.00 -0.61 -3.79
CA TRP C 4 -0.87 -1.65 -4.38
C TRP C 4 -0.86 -1.46 -5.89
N THR C 5 -0.99 -2.57 -6.62
CA THR C 5 -1.08 -2.63 -8.10
C THR C 5 -2.14 -3.60 -8.58
N TYR C 6 -2.16 -3.81 -9.88
CA TYR C 6 -3.08 -4.71 -10.60
C TYR C 6 -2.31 -5.91 -11.16
N PHE C 7 -1.00 -6.00 -10.90
CA PHE C 7 -0.11 -7.05 -11.45
C PHE C 7 0.84 -7.50 -10.35
N GLY C 8 0.94 -8.84 -10.22
CA GLY C 8 2.01 -9.50 -9.46
C GLY C 8 1.76 -9.51 -7.95
N PRO C 9 2.84 -9.45 -7.13
CA PRO C 9 2.75 -9.65 -5.67
C PRO C 9 1.80 -8.70 -4.94
N ASP C 10 1.74 -7.43 -5.35
CA ASP C 10 0.89 -6.38 -4.72
C ASP C 10 -0.47 -6.30 -5.42
N GLY C 11 -0.75 -7.21 -6.34
CA GLY C 11 -2.00 -7.23 -7.10
C GLY C 11 -3.22 -7.60 -6.25
N GLU C 12 -4.36 -7.76 -6.92
CA GLU C 12 -5.71 -7.66 -6.33
C GLU C 12 -5.98 -8.83 -5.39
N ASN C 13 -5.32 -9.96 -5.58
CA ASN C 13 -5.44 -11.08 -4.62
C ASN C 13 -4.72 -10.73 -3.31
N SER C 14 -3.78 -9.77 -3.31
CA SER C 14 -2.95 -9.44 -2.12
C SER C 14 -3.45 -8.18 -1.36
N TRP C 15 -4.39 -7.42 -1.94
CA TRP C 15 -4.93 -6.14 -1.34
C TRP C 15 -5.43 -6.39 0.10
N SER C 16 -6.12 -7.50 0.30
CA SER C 16 -6.75 -7.95 1.56
C SER C 16 -5.71 -7.93 2.66
N LYS C 17 -4.43 -8.15 2.34
CA LYS C 17 -3.35 -8.21 3.35
C LYS C 17 -3.15 -6.84 4.03
N LYS C 18 -3.31 -5.73 3.31
CA LYS C 18 -3.09 -4.36 3.86
C LYS C 18 -4.42 -3.63 4.05
N TYR C 19 -5.48 -4.05 3.38
CA TYR C 19 -6.77 -3.33 3.34
C TYR C 19 -7.84 -4.37 3.54
N PRO C 20 -8.26 -4.60 4.79
CA PRO C 20 -9.08 -5.77 5.10
C PRO C 20 -10.47 -5.76 4.41
N SER C 21 -11.00 -4.58 4.13
CA SER C 21 -12.32 -4.47 3.45
C SER C 21 -12.27 -5.10 2.04
N CYS C 22 -11.08 -5.21 1.41
CA CYS C 22 -10.89 -5.87 0.08
C CYS C 22 -11.22 -7.39 0.17
N GLY C 23 -11.16 -7.96 1.37
CA GLY C 23 -11.55 -9.35 1.71
C GLY C 23 -12.91 -9.44 2.36
N GLY C 24 -13.66 -8.36 2.45
CA GLY C 24 -14.98 -8.33 3.10
C GLY C 24 -16.12 -8.56 2.12
N LEU C 25 -17.31 -8.14 2.54
CA LEU C 25 -18.57 -8.28 1.78
C LEU C 25 -18.77 -7.10 0.83
N LEU C 26 -19.57 -7.30 -0.22
CA LEU C 26 -20.25 -6.26 -1.03
C LEU C 26 -19.21 -5.54 -1.86
N GLN C 27 -18.36 -6.35 -2.46
CA GLN C 27 -17.24 -5.92 -3.30
C GLN C 27 -17.76 -5.68 -4.73
N SER C 28 -17.22 -4.64 -5.35
CA SER C 28 -17.42 -4.29 -6.77
C SER C 28 -16.10 -4.54 -7.49
N PRO C 29 -16.10 -4.79 -8.81
CA PRO C 29 -17.30 -4.79 -9.62
C PRO C 29 -17.89 -6.20 -9.70
N ILE C 30 -18.87 -6.34 -10.58
CA ILE C 30 -19.64 -7.58 -10.77
C ILE C 30 -20.03 -7.70 -12.23
N ASP C 31 -20.40 -8.93 -12.57
CA ASP C 31 -21.01 -9.29 -13.85
C ASP C 31 -22.53 -9.07 -13.78
N LEU C 32 -23.03 -8.15 -14.58
CA LEU C 32 -24.45 -7.90 -14.88
C LEU C 32 -24.94 -8.99 -15.83
N HIS C 33 -25.76 -9.94 -15.34
CA HIS C 33 -26.37 -11.06 -16.10
C HIS C 33 -27.79 -11.29 -15.56
N SER C 34 -28.69 -11.81 -16.41
CA SER C 34 -30.18 -11.78 -16.25
C SER C 34 -30.62 -12.47 -14.96
N ASP C 35 -29.98 -13.56 -14.59
CA ASP C 35 -30.35 -14.36 -13.40
C ASP C 35 -30.42 -13.48 -12.14
N ILE C 36 -29.54 -12.48 -11.99
CA ILE C 36 -29.48 -11.71 -10.70
C ILE C 36 -30.01 -10.28 -10.90
N LEU C 37 -30.75 -10.00 -11.98
CA LEU C 37 -31.37 -8.67 -12.24
C LEU C 37 -32.80 -8.67 -11.70
N GLN C 38 -33.33 -7.50 -11.29
CA GLN C 38 -34.69 -7.41 -10.71
C GLN C 38 -35.23 -6.00 -10.94
N TYR C 39 -36.28 -5.87 -11.75
CA TYR C 39 -37.00 -4.60 -11.97
C TYR C 39 -37.51 -4.07 -10.62
N ASP C 40 -37.29 -2.77 -10.43
CA ASP C 40 -37.69 -2.00 -9.22
C ASP C 40 -38.31 -0.70 -9.72
N ALA C 41 -39.62 -0.56 -9.55
CA ALA C 41 -40.41 0.68 -9.79
C ALA C 41 -39.88 1.90 -9.00
N SER C 42 -39.20 1.78 -7.83
CA SER C 42 -38.66 2.94 -7.07
C SER C 42 -37.48 3.59 -7.79
N LEU C 43 -36.89 2.94 -8.80
CA LEU C 43 -35.64 3.45 -9.45
C LEU C 43 -36.03 4.53 -10.45
N THR C 44 -36.17 5.77 -9.96
CA THR C 44 -36.57 6.97 -10.74
C THR C 44 -35.33 7.59 -11.37
N PRO C 45 -35.53 8.33 -12.48
CA PRO C 45 -34.43 8.99 -13.19
C PRO C 45 -33.65 9.98 -12.31
N LEU C 46 -32.33 9.86 -12.31
CA LEU C 46 -31.38 10.83 -11.73
C LEU C 46 -31.45 12.14 -12.51
N GLU C 47 -31.18 13.22 -11.80
CA GLU C 47 -31.02 14.59 -12.37
C GLU C 47 -29.55 14.94 -12.21
N PHE C 48 -28.96 15.52 -13.24
CA PHE C 48 -27.53 15.92 -13.26
C PHE C 48 -27.43 17.43 -13.18
N GLN C 49 -27.18 17.94 -11.98
CA GLN C 49 -27.12 19.41 -11.68
C GLN C 49 -25.68 19.88 -11.58
N GLY C 50 -25.38 21.03 -12.16
CA GLY C 50 -24.06 21.68 -12.10
C GLY C 50 -23.04 20.92 -12.91
N TYR C 51 -23.50 20.06 -13.84
CA TYR C 51 -22.69 19.19 -14.72
C TYR C 51 -22.07 19.98 -15.88
N ASN C 52 -22.69 21.10 -16.25
CA ASN C 52 -22.24 21.89 -17.42
C ASN C 52 -21.16 22.85 -16.96
N LEU C 53 -19.90 22.44 -16.97
CA LEU C 53 -18.78 23.27 -16.43
C LEU C 53 -18.35 24.30 -17.49
N SER C 54 -18.01 25.51 -17.06
CA SER C 54 -17.67 26.63 -17.98
C SER C 54 -16.32 26.36 -18.66
N ALA C 55 -16.29 26.51 -19.98
CA ALA C 55 -15.12 26.29 -20.83
C ALA C 55 -14.08 27.39 -20.54
N ASN C 56 -14.46 28.44 -19.82
CA ASN C 56 -13.51 29.48 -19.36
C ASN C 56 -12.98 29.16 -17.96
N LYS C 57 -13.48 28.12 -17.30
CA LYS C 57 -12.88 27.62 -16.05
C LYS C 57 -11.98 26.43 -16.35
N GLN C 58 -11.07 26.13 -15.43
CA GLN C 58 -10.04 25.08 -15.53
C GLN C 58 -10.27 24.12 -14.35
N PHE C 59 -10.04 22.83 -14.55
CA PHE C 59 -10.17 21.73 -13.55
C PHE C 59 -8.93 20.83 -13.69
N LEU C 60 -8.44 20.32 -12.55
CA LEU C 60 -7.12 19.68 -12.40
C LEU C 60 -7.23 18.21 -12.82
N LEU C 61 -6.45 17.84 -13.82
CA LEU C 61 -6.24 16.45 -14.30
C LEU C 61 -4.98 15.96 -13.58
N THR C 62 -5.07 14.81 -12.92
CA THR C 62 -3.96 14.24 -12.11
C THR C 62 -3.74 12.77 -12.46
N ASN C 63 -2.48 12.44 -12.75
CA ASN C 63 -1.99 11.03 -12.73
C ASN C 63 -1.75 10.67 -11.26
N ASN C 64 -2.60 9.86 -10.66
CA ASN C 64 -2.39 9.48 -9.23
C ASN C 64 -1.56 8.18 -9.14
N GLY C 65 -1.12 7.62 -10.25
CA GLY C 65 -0.31 6.38 -10.22
C GLY C 65 -1.16 5.15 -10.44
N HIS C 66 -2.50 5.31 -10.48
CA HIS C 66 -3.45 4.19 -10.71
C HIS C 66 -4.36 4.45 -11.90
N SER C 67 -4.80 5.70 -12.06
CA SER C 67 -5.70 6.17 -13.12
C SER C 67 -5.33 7.59 -13.48
N VAL C 68 -6.04 8.17 -14.43
CA VAL C 68 -6.02 9.63 -14.67
C VAL C 68 -7.33 10.14 -14.09
N LYS C 69 -7.28 11.09 -13.18
CA LYS C 69 -8.52 11.64 -12.58
C LYS C 69 -8.62 13.15 -12.86
N LEU C 70 -9.85 13.61 -13.11
CA LEU C 70 -10.24 15.04 -13.26
C LEU C 70 -10.97 15.46 -11.98
N ASN C 71 -10.51 16.50 -11.28
CA ASN C 71 -11.17 16.98 -10.04
C ASN C 71 -12.47 17.68 -10.45
N LEU C 72 -13.55 17.41 -9.73
CA LEU C 72 -14.85 18.04 -10.03
C LEU C 72 -15.21 18.92 -8.85
N PRO C 73 -15.95 20.03 -9.09
CA PRO C 73 -16.46 20.86 -8.00
C PRO C 73 -17.69 20.24 -7.34
N SER C 74 -17.74 20.49 -6.04
CA SER C 74 -18.73 19.94 -5.08
C SER C 74 -20.11 20.56 -5.37
N ASP C 75 -20.20 21.65 -6.13
CA ASP C 75 -21.52 22.20 -6.55
C ASP C 75 -22.08 21.42 -7.75
N MET C 76 -21.32 20.54 -8.38
CA MET C 76 -21.88 19.60 -9.35
C MET C 76 -22.46 18.41 -8.52
N HIS C 77 -23.69 18.00 -8.76
CA HIS C 77 -24.38 16.97 -7.97
C HIS C 77 -25.56 16.17 -8.58
N ILE C 78 -26.00 15.16 -7.84
CA ILE C 78 -27.06 14.18 -8.24
C ILE C 78 -28.27 14.48 -7.39
N GLN C 79 -29.45 14.54 -8.02
CA GLN C 79 -30.72 14.41 -7.30
C GLN C 79 -31.41 13.12 -7.77
N GLY C 80 -32.11 12.49 -6.87
CA GLY C 80 -32.74 11.26 -7.14
C GLY C 80 -32.39 10.24 -6.09
N LEU C 81 -31.29 10.39 -5.37
CA LEU C 81 -30.92 9.49 -4.26
C LEU C 81 -31.53 9.92 -2.91
N GLN C 82 -31.23 9.26 -1.80
CA GLN C 82 -31.84 9.59 -0.49
C GLN C 82 -31.15 10.81 0.15
N SER C 83 -29.95 11.12 -0.30
CA SER C 83 -29.17 12.30 0.15
C SER C 83 -28.63 12.99 -1.10
N ARG C 84 -28.33 14.28 -0.98
CA ARG C 84 -27.59 15.01 -2.04
C ARG C 84 -26.19 14.39 -2.11
N TYR C 85 -25.74 14.06 -3.33
CA TYR C 85 -24.41 13.51 -3.64
C TYR C 85 -23.67 14.51 -4.53
N SER C 86 -22.58 15.04 -4.00
CA SER C 86 -21.78 16.14 -4.59
C SER C 86 -20.56 15.52 -5.29
N ALA C 87 -20.25 15.89 -6.54
CA ALA C 87 -19.13 15.30 -7.32
C ALA C 87 -17.81 15.60 -6.62
N THR C 88 -16.87 14.65 -6.58
CA THR C 88 -15.46 14.84 -6.14
C THR C 88 -14.50 14.68 -7.32
N GLN C 89 -14.72 13.69 -8.20
CA GLN C 89 -13.83 13.46 -9.37
C GLN C 89 -14.37 12.39 -10.31
N LEU C 90 -13.80 12.34 -11.52
CA LEU C 90 -13.99 11.21 -12.45
C LEU C 90 -12.62 10.67 -12.82
N HIS C 91 -12.64 9.42 -13.27
CA HIS C 91 -11.46 8.64 -13.68
C HIS C 91 -11.96 7.44 -14.50
N LEU C 92 -11.00 6.73 -15.07
CA LEU C 92 -11.27 5.65 -16.04
C LEU C 92 -10.51 4.40 -15.63
N HIS C 93 -10.92 3.27 -16.17
CA HIS C 93 -10.18 1.98 -16.12
C HIS C 93 -10.14 1.49 -17.56
N TRP C 94 -9.09 0.75 -17.92
CA TRP C 94 -8.90 0.29 -19.31
C TRP C 94 -7.96 -0.93 -19.38
N GLY C 95 -7.83 -1.49 -20.58
CA GLY C 95 -6.96 -2.66 -20.85
C GLY C 95 -5.56 -2.27 -21.26
N ASN C 96 -5.14 -2.74 -22.44
CA ASN C 96 -3.79 -2.57 -23.02
C ASN C 96 -3.95 -2.68 -24.54
N PRO C 97 -2.98 -2.26 -25.36
CA PRO C 97 -3.13 -2.30 -26.82
C PRO C 97 -3.42 -3.71 -27.37
N ASN C 98 -2.83 -4.75 -26.78
CA ASN C 98 -3.03 -6.15 -27.23
C ASN C 98 -4.38 -6.70 -26.74
N ASP C 99 -5.02 -6.07 -25.75
CA ASP C 99 -6.28 -6.60 -25.16
C ASP C 99 -7.14 -5.42 -24.67
N PRO C 100 -7.77 -4.66 -25.60
CA PRO C 100 -8.58 -3.48 -25.26
C PRO C 100 -10.00 -3.82 -24.74
N HIS C 101 -10.05 -4.47 -23.57
CA HIS C 101 -11.28 -4.98 -22.88
C HIS C 101 -11.03 -4.88 -21.37
N GLY C 102 -11.01 -3.65 -20.86
CA GLY C 102 -10.61 -3.30 -19.47
C GLY C 102 -11.68 -2.56 -18.68
N SER C 103 -12.96 -2.70 -19.03
CA SER C 103 -14.10 -2.33 -18.15
C SER C 103 -13.97 -3.11 -16.85
N GLU C 104 -14.50 -2.59 -15.77
CA GLU C 104 -14.60 -3.29 -14.45
C GLU C 104 -15.87 -4.14 -14.44
N HIS C 105 -17.04 -3.53 -14.65
CA HIS C 105 -18.32 -4.25 -14.79
C HIS C 105 -18.30 -4.98 -16.13
N THR C 106 -18.75 -6.24 -16.14
CA THR C 106 -19.00 -7.03 -17.37
C THR C 106 -20.51 -7.20 -17.56
N VAL C 107 -20.91 -7.46 -18.80
CA VAL C 107 -22.33 -7.76 -19.12
C VAL C 107 -22.34 -9.16 -19.73
N SER C 108 -23.04 -10.08 -19.05
CA SER C 108 -23.09 -11.52 -19.33
C SER C 108 -21.70 -11.99 -19.75
N GLY C 109 -20.70 -11.67 -18.93
CA GLY C 109 -19.35 -12.26 -19.03
C GLY C 109 -18.41 -11.50 -19.96
N GLN C 110 -18.88 -10.47 -20.66
CA GLN C 110 -18.09 -9.72 -21.68
C GLN C 110 -17.59 -8.43 -21.05
N HIS C 111 -16.34 -8.07 -21.33
CA HIS C 111 -15.77 -6.73 -20.98
C HIS C 111 -16.02 -5.76 -22.12
N PHE C 112 -16.47 -4.56 -21.78
CA PHE C 112 -16.36 -3.38 -22.66
C PHE C 112 -14.87 -2.99 -22.70
N ALA C 113 -14.53 -2.07 -23.59
CA ALA C 113 -13.17 -1.61 -23.86
C ALA C 113 -12.63 -0.89 -22.61
N ALA C 114 -13.49 -0.09 -22.00
CA ALA C 114 -13.12 0.75 -20.86
C ALA C 114 -14.40 1.14 -20.13
N GLU C 115 -14.25 1.98 -19.10
CA GLU C 115 -15.28 2.30 -18.13
C GLU C 115 -14.90 3.64 -17.46
N LEU C 116 -15.84 4.58 -17.41
CA LEU C 116 -15.70 5.88 -16.72
C LEU C 116 -16.48 5.83 -15.42
N HIS C 117 -15.85 6.36 -14.36
CA HIS C 117 -16.41 6.44 -13.00
C HIS C 117 -16.53 7.90 -12.59
N ILE C 118 -17.76 8.36 -12.33
CA ILE C 118 -18.03 9.72 -11.81
C ILE C 118 -18.44 9.54 -10.35
N VAL C 119 -17.57 9.95 -9.47
CA VAL C 119 -17.63 9.63 -8.02
C VAL C 119 -18.21 10.87 -7.34
N HIS C 120 -19.22 10.66 -6.51
CA HIS C 120 -19.84 11.66 -5.60
C HIS C 120 -19.81 11.14 -4.17
N TYR C 121 -19.83 12.07 -3.22
CA TYR C 121 -19.83 11.78 -1.77
C TYR C 121 -21.15 12.35 -1.19
N ASN C 122 -21.65 11.73 -0.11
CA ASN C 122 -22.84 12.20 0.65
C ASN C 122 -22.49 13.49 1.42
N SER C 123 -22.80 14.65 0.82
CA SER C 123 -22.46 16.00 1.32
C SER C 123 -23.42 16.43 2.44
N ASP C 124 -24.59 15.80 2.51
CA ASP C 124 -25.55 15.94 3.65
C ASP C 124 -24.93 15.39 4.94
N LEU C 125 -24.12 14.33 4.90
CA LEU C 125 -23.54 13.68 6.11
C LEU C 125 -22.05 14.03 6.28
N TYR C 126 -21.31 14.26 5.20
CA TYR C 126 -19.82 14.31 5.22
C TYR C 126 -19.35 15.59 4.54
N PRO C 127 -18.23 16.17 5.05
CA PRO C 127 -17.67 17.41 4.50
C PRO C 127 -16.90 17.22 3.19
N ASP C 128 -16.26 16.07 2.96
CA ASP C 128 -15.44 15.74 1.77
C ASP C 128 -15.57 14.24 1.43
N ALA C 129 -15.03 13.79 0.30
CA ALA C 129 -15.14 12.38 -0.19
C ALA C 129 -14.26 11.44 0.65
N SER C 130 -13.05 11.91 1.00
CA SER C 130 -12.14 11.22 1.94
C SER C 130 -12.88 10.73 3.22
N THR C 131 -13.44 11.67 3.97
CA THR C 131 -14.17 11.45 5.24
C THR C 131 -15.37 10.50 5.00
N ALA C 132 -16.08 10.71 3.90
CA ALA C 132 -17.27 9.93 3.48
C ALA C 132 -16.88 8.47 3.23
N SER C 133 -15.71 8.22 2.61
CA SER C 133 -15.39 7.00 1.79
C SER C 133 -15.53 5.71 2.60
N ASN C 134 -15.28 5.78 3.91
CA ASN C 134 -15.32 4.60 4.81
C ASN C 134 -16.50 4.68 5.78
N LYS C 135 -17.62 5.28 5.35
CA LYS C 135 -18.74 5.53 6.28
C LYS C 135 -20.06 5.24 5.58
N SER C 136 -20.97 4.66 6.36
CA SER C 136 -22.37 4.39 6.00
C SER C 136 -22.82 5.40 4.92
N GLU C 137 -23.22 4.91 3.75
CA GLU C 137 -23.86 5.73 2.69
C GLU C 137 -22.91 6.84 2.19
N GLY C 138 -21.59 6.65 2.30
CA GLY C 138 -20.63 7.72 2.04
C GLY C 138 -20.62 8.13 0.57
N LEU C 139 -20.90 7.23 -0.38
CA LEU C 139 -20.48 7.46 -1.80
C LEU C 139 -21.52 6.95 -2.81
N ALA C 140 -21.47 7.49 -3.99
CA ALA C 140 -22.35 7.11 -5.11
C ALA C 140 -21.56 7.26 -6.39
N VAL C 141 -21.33 6.19 -7.13
CA VAL C 141 -20.55 6.34 -8.38
C VAL C 141 -21.50 6.09 -9.55
N LEU C 142 -21.45 6.92 -10.58
CA LEU C 142 -22.02 6.63 -11.91
C LEU C 142 -20.97 5.88 -12.76
N ALA C 143 -21.38 4.80 -13.40
CA ALA C 143 -20.51 4.00 -14.27
C ALA C 143 -21.05 4.02 -15.70
N VAL C 144 -20.20 4.43 -16.65
CA VAL C 144 -20.46 4.41 -18.11
C VAL C 144 -19.58 3.33 -18.71
N LEU C 145 -20.17 2.35 -19.38
CA LEU C 145 -19.41 1.35 -20.18
C LEU C 145 -18.93 2.00 -21.47
N ILE C 146 -17.68 1.79 -21.88
CA ILE C 146 -17.11 2.45 -23.09
C ILE C 146 -16.76 1.36 -24.08
N GLU C 147 -17.20 1.53 -25.33
CA GLU C 147 -16.91 0.52 -26.37
C GLU C 147 -16.21 1.17 -27.57
N MET C 148 -15.41 0.39 -28.27
CA MET C 148 -14.64 0.88 -29.42
C MET C 148 -15.67 1.15 -30.50
N GLY C 149 -15.70 2.40 -30.99
CA GLY C 149 -16.61 2.88 -32.04
C GLY C 149 -16.09 4.16 -32.65
N SER C 150 -16.97 5.14 -32.87
CA SER C 150 -16.63 6.49 -33.41
C SER C 150 -15.89 7.31 -32.35
N PHE C 151 -14.95 8.13 -32.83
CA PHE C 151 -14.28 9.26 -32.14
C PHE C 151 -15.29 10.05 -31.29
N ASN C 152 -14.90 10.35 -30.07
CA ASN C 152 -15.81 11.03 -29.14
C ASN C 152 -15.17 12.37 -28.79
N PRO C 153 -15.65 13.48 -29.41
CA PRO C 153 -15.01 14.78 -29.27
C PRO C 153 -15.01 15.14 -27.78
N SER C 154 -16.13 14.86 -27.12
CA SER C 154 -16.36 15.05 -25.65
C SER C 154 -15.29 14.34 -24.80
N TYR C 155 -15.08 13.05 -24.98
CA TYR C 155 -14.07 12.27 -24.20
C TYR C 155 -12.69 12.82 -24.59
N ASP C 156 -12.60 13.36 -25.80
CA ASP C 156 -11.28 13.88 -26.21
C ASP C 156 -10.93 15.13 -25.40
N LYS C 157 -11.93 15.78 -24.78
CA LYS C 157 -11.68 16.98 -23.95
C LYS C 157 -10.79 16.57 -22.77
N ILE C 158 -10.79 15.29 -22.39
CA ILE C 158 -9.88 14.69 -21.37
C ILE C 158 -8.63 14.15 -22.05
N PHE C 159 -8.78 13.35 -23.11
CA PHE C 159 -7.69 12.51 -23.66
C PHE C 159 -6.64 13.39 -24.38
N SER C 160 -7.05 14.54 -24.88
CA SER C 160 -6.14 15.45 -25.60
C SER C 160 -5.10 16.02 -24.61
N HIS C 161 -5.29 15.83 -23.31
CA HIS C 161 -4.38 16.33 -22.26
C HIS C 161 -3.57 15.20 -21.62
N LEU C 162 -3.83 13.95 -21.94
CA LEU C 162 -3.09 12.80 -21.33
C LEU C 162 -1.57 13.07 -21.38
N GLN C 163 -1.05 13.73 -22.41
CA GLN C 163 0.41 13.93 -22.64
C GLN C 163 1.04 14.81 -21.56
N HIS C 164 0.26 15.54 -20.78
CA HIS C 164 0.75 16.43 -19.70
C HIS C 164 0.73 15.72 -18.36
N VAL C 165 0.22 14.49 -18.30
CA VAL C 165 0.17 13.74 -17.01
C VAL C 165 0.75 12.34 -17.21
N LYS C 166 1.81 12.21 -17.98
CA LYS C 166 2.39 10.90 -18.31
C LYS C 166 2.80 10.15 -17.04
N TYR C 167 3.27 10.86 -16.02
CA TYR C 167 3.88 10.24 -14.83
C TYR C 167 3.04 10.54 -13.58
N LYS C 168 3.18 9.63 -12.61
CA LYS C 168 2.53 9.77 -11.27
C LYS C 168 2.90 11.13 -10.70
N GLY C 169 1.87 11.84 -10.19
CA GLY C 169 1.95 13.15 -9.52
C GLY C 169 1.93 14.33 -10.48
N GLN C 170 2.05 14.12 -11.79
CA GLN C 170 1.90 15.21 -12.80
C GLN C 170 0.43 15.64 -12.91
N GLU C 171 0.20 16.93 -13.13
CA GLU C 171 -1.10 17.62 -13.05
C GLU C 171 -1.18 18.62 -14.22
N ALA C 172 -2.39 18.81 -14.74
CA ALA C 172 -2.65 19.74 -15.85
C ALA C 172 -4.04 20.28 -15.66
N PHE C 173 -4.21 21.57 -15.90
CA PHE C 173 -5.52 22.25 -15.87
C PHE C 173 -6.18 22.03 -17.21
N VAL C 174 -7.45 21.68 -17.18
CA VAL C 174 -8.29 21.30 -18.36
C VAL C 174 -9.49 22.24 -18.39
N PRO C 175 -9.84 22.78 -19.57
CA PRO C 175 -11.02 23.64 -19.67
C PRO C 175 -12.25 22.82 -19.25
N GLY C 176 -13.14 23.42 -18.47
CA GLY C 176 -14.47 22.84 -18.22
C GLY C 176 -15.14 22.45 -19.53
N PHE C 177 -16.02 21.46 -19.45
CA PHE C 177 -17.04 21.14 -20.47
C PHE C 177 -18.20 20.50 -19.72
N ASN C 178 -19.22 20.12 -20.49
CA ASN C 178 -20.47 19.58 -19.98
C ASN C 178 -20.29 18.08 -19.79
N ILE C 179 -20.07 17.70 -18.54
CA ILE C 179 -19.80 16.32 -18.10
C ILE C 179 -20.96 15.45 -18.56
N GLU C 180 -22.16 16.01 -18.75
CA GLU C 180 -23.33 15.24 -19.28
C GLU C 180 -23.05 14.62 -20.67
N GLU C 181 -22.19 15.24 -21.49
CA GLU C 181 -21.77 14.72 -22.82
C GLU C 181 -21.03 13.37 -22.67
N LEU C 182 -20.48 13.06 -21.49
CA LEU C 182 -19.79 11.78 -21.21
C LEU C 182 -20.81 10.67 -20.93
N LEU C 183 -22.10 11.03 -20.82
CA LEU C 183 -23.12 10.05 -20.43
C LEU C 183 -23.69 9.46 -21.70
N PRO C 184 -24.21 8.23 -21.63
CA PRO C 184 -24.83 7.59 -22.79
C PRO C 184 -26.29 8.02 -22.93
N GLU C 185 -26.95 7.45 -23.93
CA GLU C 185 -28.39 7.68 -24.18
C GLU C 185 -29.18 6.98 -23.08
N ARG C 186 -30.35 7.56 -22.76
CA ARG C 186 -31.37 6.98 -21.88
C ARG C 186 -30.69 6.69 -20.52
N THR C 187 -30.11 7.72 -19.91
CA THR C 187 -29.67 7.62 -18.49
C THR C 187 -30.81 7.11 -17.58
N ALA C 188 -32.10 7.27 -17.93
CA ALA C 188 -33.23 6.69 -17.15
C ALA C 188 -33.09 5.16 -17.01
N GLU C 189 -32.53 4.46 -18.00
CA GLU C 189 -32.25 3.01 -17.94
C GLU C 189 -30.89 2.74 -17.27
N TYR C 190 -30.92 2.21 -16.05
CA TYR C 190 -29.68 1.87 -15.31
C TYR C 190 -29.85 0.60 -14.46
N TYR C 191 -28.70 -0.01 -14.14
CA TYR C 191 -28.52 -1.03 -13.08
C TYR C 191 -28.09 -0.34 -11.80
N ARG C 192 -28.55 -0.83 -10.65
CA ARG C 192 -28.28 -0.22 -9.33
C ARG C 192 -28.04 -1.33 -8.31
N TYR C 193 -26.90 -1.28 -7.63
CA TYR C 193 -26.56 -2.25 -6.56
C TYR C 193 -25.65 -1.58 -5.53
N ARG C 194 -25.54 -2.23 -4.37
CA ARG C 194 -24.70 -1.84 -3.20
C ARG C 194 -23.35 -2.53 -3.38
N GLY C 195 -22.29 -1.74 -3.40
CA GLY C 195 -20.92 -2.23 -3.61
C GLY C 195 -19.90 -1.43 -2.83
N SER C 196 -18.69 -1.38 -3.39
CA SER C 196 -17.47 -0.91 -2.71
C SER C 196 -16.65 -0.09 -3.70
N LEU C 197 -15.59 0.52 -3.22
CA LEU C 197 -14.46 0.93 -4.07
C LEU C 197 -13.98 -0.31 -4.82
N THR C 198 -13.59 -0.17 -6.07
CA THR C 198 -12.96 -1.24 -6.88
C THR C 198 -11.44 -1.20 -6.67
N THR C 199 -11.00 -0.31 -5.75
CA THR C 199 -9.58 -0.08 -5.38
C THR C 199 -9.48 -0.04 -3.88
N PRO C 200 -8.28 -0.36 -3.32
CA PRO C 200 -8.07 -0.21 -1.88
C PRO C 200 -8.45 1.20 -1.48
N PRO C 201 -9.05 1.42 -0.28
CA PRO C 201 -9.33 0.35 0.68
C PRO C 201 -10.60 -0.49 0.53
N CYS C 202 -11.28 -0.46 -0.63
CA CYS C 202 -12.36 -1.40 -1.03
C CYS C 202 -13.53 -1.28 -0.05
N ASN C 203 -13.76 -0.08 0.48
CA ASN C 203 -14.83 0.17 1.46
C ASN C 203 -16.17 -0.17 0.84
N PRO C 204 -17.07 -0.92 1.54
CA PRO C 204 -18.39 -1.30 1.01
C PRO C 204 -19.45 -0.21 1.19
N THR C 205 -19.13 1.00 0.72
CA THR C 205 -19.84 2.25 1.06
C THR C 205 -20.37 2.92 -0.20
N VAL C 206 -20.38 2.18 -1.32
CA VAL C 206 -20.66 2.80 -2.63
C VAL C 206 -22.03 2.35 -3.09
N LEU C 207 -22.88 3.31 -3.44
CA LEU C 207 -24.09 3.00 -4.22
C LEU C 207 -23.72 3.15 -5.69
N TRP C 208 -23.74 2.04 -6.42
CA TRP C 208 -23.35 1.97 -7.84
C TRP C 208 -24.57 2.27 -8.69
N THR C 209 -24.36 3.04 -9.74
CA THR C 209 -25.35 3.19 -10.82
C THR C 209 -24.57 2.96 -12.10
N VAL C 210 -24.87 1.88 -12.80
CA VAL C 210 -24.23 1.53 -14.10
C VAL C 210 -25.28 1.78 -15.18
N PHE C 211 -25.03 2.74 -16.07
CA PHE C 211 -25.98 3.06 -17.18
C PHE C 211 -26.09 1.83 -18.07
N ARG C 212 -27.32 1.52 -18.48
CA ARG C 212 -27.64 0.38 -19.39
C ARG C 212 -26.82 0.44 -20.68
N ASN C 213 -26.75 1.59 -21.31
CA ASN C 213 -26.19 1.70 -22.68
C ASN C 213 -24.76 2.19 -22.55
N PRO C 214 -23.86 1.74 -23.46
CA PRO C 214 -22.49 2.22 -23.49
C PRO C 214 -22.34 3.47 -24.37
N VAL C 215 -21.26 4.24 -24.18
CA VAL C 215 -20.82 5.33 -25.08
C VAL C 215 -19.69 4.75 -25.91
N GLN C 216 -19.32 5.49 -26.96
CA GLN C 216 -18.34 5.06 -27.99
C GLN C 216 -17.14 6.00 -27.94
N ILE C 217 -15.93 5.44 -28.03
CA ILE C 217 -14.68 6.18 -28.36
C ILE C 217 -13.90 5.34 -29.39
N SER C 218 -13.02 6.00 -30.15
CA SER C 218 -12.28 5.43 -31.30
C SER C 218 -11.20 4.50 -30.78
N GLN C 219 -10.72 3.66 -31.67
CA GLN C 219 -9.49 2.84 -31.54
C GLN C 219 -8.31 3.73 -31.12
N GLU C 220 -8.15 4.92 -31.73
CA GLU C 220 -6.99 5.83 -31.47
C GLU C 220 -7.09 6.45 -30.07
N GLN C 221 -8.30 6.75 -29.62
CA GLN C 221 -8.55 7.27 -28.26
C GLN C 221 -8.13 6.20 -27.27
N LEU C 222 -8.58 4.96 -27.45
CA LEU C 222 -8.18 3.81 -26.60
C LEU C 222 -6.67 3.63 -26.68
N LEU C 223 -6.11 3.60 -27.89
CA LEU C 223 -4.64 3.38 -27.99
C LEU C 223 -3.90 4.45 -27.16
N ALA C 224 -4.34 5.69 -27.25
CA ALA C 224 -3.72 6.81 -26.55
C ALA C 224 -3.89 6.58 -25.03
N LEU C 225 -5.08 6.28 -24.56
CA LEU C 225 -5.33 6.06 -23.10
C LEU C 225 -4.42 4.94 -22.61
N GLU C 226 -4.33 3.86 -23.39
CA GLU C 226 -3.55 2.64 -23.04
C GLU C 226 -2.02 2.84 -23.20
N THR C 227 -1.54 3.93 -23.79
CA THR C 227 -0.07 4.11 -24.01
C THR C 227 0.49 5.39 -23.41
N ALA C 228 -0.34 6.35 -23.05
CA ALA C 228 0.09 7.69 -22.62
C ALA C 228 0.73 7.61 -21.23
N LEU C 229 0.31 6.66 -20.40
CA LEU C 229 0.35 6.82 -18.92
C LEU C 229 1.14 5.71 -18.22
N TYR C 230 1.83 6.09 -17.15
CA TYR C 230 2.67 5.23 -16.27
C TYR C 230 2.18 5.43 -14.84
N CYS C 231 2.26 4.35 -14.07
CA CYS C 231 1.95 4.32 -12.63
C CYS C 231 3.08 4.93 -11.80
N THR C 232 4.24 5.24 -12.39
CA THR C 232 5.51 5.53 -11.65
C THR C 232 5.89 7.00 -11.82
N HIS C 233 6.71 7.53 -10.90
CA HIS C 233 7.28 8.91 -11.04
C HIS C 233 8.18 8.91 -12.27
N MET C 234 8.23 10.06 -12.93
CA MET C 234 9.09 10.37 -14.11
C MET C 234 10.50 9.79 -13.96
N ASP C 235 11.03 9.90 -12.75
CA ASP C 235 12.40 9.54 -12.32
C ASP C 235 12.45 8.19 -11.60
N ASP C 236 11.46 7.31 -11.79
CA ASP C 236 11.46 5.96 -11.15
C ASP C 236 12.24 5.04 -12.08
N PRO C 237 13.24 4.29 -11.57
CA PRO C 237 14.00 3.36 -12.42
C PRO C 237 13.41 1.95 -12.57
N SER C 238 12.31 1.64 -11.91
CA SER C 238 11.43 0.49 -12.24
C SER C 238 10.13 1.03 -12.80
N PRO C 239 10.12 1.66 -14.00
CA PRO C 239 8.87 2.18 -14.59
C PRO C 239 7.85 1.05 -14.80
N ARG C 240 6.55 1.40 -14.78
CA ARG C 240 5.41 0.47 -14.95
C ARG C 240 4.29 1.23 -15.68
N GLU C 241 3.97 0.74 -16.87
CA GLU C 241 2.87 1.22 -17.75
C GLU C 241 1.55 1.22 -16.97
N MET C 242 0.73 2.26 -17.14
CA MET C 242 -0.59 2.25 -16.49
C MET C 242 -1.53 1.52 -17.45
N ILE C 243 -1.63 0.19 -17.31
CA ILE C 243 -2.48 -0.68 -18.19
C ILE C 243 -3.24 -1.65 -17.31
N ASN C 244 -4.33 -2.20 -17.83
CA ASN C 244 -5.10 -3.28 -17.16
C ASN C 244 -5.46 -2.81 -15.74
N ASN C 245 -5.94 -1.57 -15.57
CA ASN C 245 -6.19 -0.98 -14.22
C ASN C 245 -7.66 -1.25 -13.85
N PHE C 246 -8.03 -2.53 -13.87
CA PHE C 246 -9.40 -2.99 -13.62
C PHE C 246 -9.35 -4.17 -12.66
N ARG C 247 -10.30 -4.23 -11.74
CA ARG C 247 -10.42 -5.35 -10.77
C ARG C 247 -11.28 -6.44 -11.41
N GLN C 248 -11.02 -7.71 -11.06
CA GLN C 248 -11.83 -8.87 -11.52
C GLN C 248 -13.19 -8.71 -10.88
N VAL C 249 -14.24 -9.21 -11.52
CA VAL C 249 -15.61 -9.21 -10.96
C VAL C 249 -15.57 -10.11 -9.72
N GLN C 250 -16.47 -9.80 -8.78
CA GLN C 250 -16.54 -10.36 -7.41
C GLN C 250 -17.82 -11.20 -7.25
N LYS C 251 -17.81 -12.07 -6.24
CA LYS C 251 -19.00 -12.82 -5.76
C LYS C 251 -20.12 -11.86 -5.31
N PHE C 252 -21.36 -12.29 -5.49
CA PHE C 252 -22.57 -11.47 -5.28
C PHE C 252 -22.83 -11.37 -3.78
N ASP C 253 -22.46 -12.41 -3.01
CA ASP C 253 -22.77 -12.42 -1.56
C ASP C 253 -24.27 -12.23 -1.31
N GLU C 254 -25.17 -12.87 -2.05
CA GLU C 254 -26.63 -12.80 -1.81
C GLU C 254 -27.25 -11.47 -2.26
N ARG C 255 -26.56 -10.59 -2.98
CA ARG C 255 -27.18 -9.39 -3.60
C ARG C 255 -28.01 -9.73 -4.87
N LEU C 256 -28.93 -8.82 -5.21
CA LEU C 256 -29.47 -8.69 -6.58
C LEU C 256 -29.04 -7.31 -7.11
N VAL C 257 -29.19 -7.13 -8.42
CA VAL C 257 -28.92 -5.85 -9.14
C VAL C 257 -30.28 -5.35 -9.62
N TYR C 258 -30.77 -4.25 -9.05
CA TYR C 258 -32.12 -3.70 -9.38
C TYR C 258 -32.01 -2.89 -10.64
N THR C 259 -32.96 -3.04 -11.56
CA THR C 259 -32.95 -2.31 -12.86
C THR C 259 -34.15 -1.36 -12.93
N SER C 260 -34.02 -0.32 -13.75
CA SER C 260 -35.07 0.69 -14.00
C SER C 260 -35.86 0.30 -15.26
N PHE C 261 -35.48 -0.83 -15.87
CA PHE C 261 -36.01 -1.36 -17.16
C PHE C 261 -36.27 -2.86 -16.96
N SER C 262 -37.16 -3.42 -17.80
CA SER C 262 -37.70 -4.81 -17.69
C SER C 262 -37.08 -5.73 -18.74
N LYS D 3 -8.48 -22.46 8.32
CA LYS D 3 -9.90 -22.38 7.82
C LYS D 3 -9.92 -21.50 6.57
N TRP D 4 -10.65 -21.92 5.52
CA TRP D 4 -10.95 -21.07 4.35
C TRP D 4 -12.38 -21.36 3.85
N THR D 5 -13.03 -20.36 3.26
CA THR D 5 -14.39 -20.46 2.66
C THR D 5 -14.44 -19.76 1.31
N TYR D 6 -15.60 -19.80 0.68
CA TYR D 6 -15.94 -19.05 -0.55
C TYR D 6 -16.87 -17.87 -0.24
N PHE D 7 -16.95 -17.40 1.01
CA PHE D 7 -17.85 -16.30 1.45
C PHE D 7 -17.30 -15.64 2.72
N GLY D 8 -17.45 -14.33 2.84
CA GLY D 8 -17.26 -13.60 4.12
C GLY D 8 -15.79 -13.28 4.35
N PRO D 9 -15.39 -12.94 5.60
CA PRO D 9 -14.04 -12.44 5.87
C PRO D 9 -12.88 -13.40 5.52
N ASP D 10 -13.17 -14.70 5.35
CA ASP D 10 -12.18 -15.81 5.11
C ASP D 10 -12.16 -16.17 3.62
N GLY D 11 -12.89 -15.40 2.81
CA GLY D 11 -13.15 -15.67 1.38
C GLY D 11 -11.90 -15.65 0.50
N GLU D 12 -12.10 -15.88 -0.80
CA GLU D 12 -11.02 -16.10 -1.81
C GLU D 12 -10.09 -14.87 -1.90
N ASN D 13 -10.61 -13.66 -1.69
CA ASN D 13 -9.77 -12.43 -1.66
C ASN D 13 -8.80 -12.36 -0.48
N SER D 14 -9.03 -13.14 0.60
CA SER D 14 -8.17 -13.22 1.81
C SER D 14 -7.36 -14.53 1.88
N TRP D 15 -7.60 -15.48 0.98
CA TRP D 15 -6.80 -16.74 0.87
C TRP D 15 -5.30 -16.40 0.96
N SER D 16 -4.85 -15.36 0.23
CA SER D 16 -3.44 -14.90 0.14
C SER D 16 -2.82 -14.68 1.52
N LYS D 17 -3.61 -14.30 2.53
CA LYS D 17 -3.09 -14.04 3.91
C LYS D 17 -2.35 -15.26 4.48
N LYS D 18 -3.00 -16.42 4.62
CA LYS D 18 -2.37 -17.68 5.13
C LYS D 18 -1.76 -18.51 4.00
N TYR D 19 -2.22 -18.33 2.76
CA TYR D 19 -1.82 -19.19 1.61
C TYR D 19 -1.23 -18.28 0.55
N PRO D 20 0.07 -17.94 0.68
CA PRO D 20 0.65 -16.84 -0.09
C PRO D 20 0.68 -17.17 -1.58
N SER D 21 0.67 -18.45 -1.95
CA SER D 21 0.64 -18.87 -3.37
C SER D 21 -0.65 -18.37 -4.03
N CYS D 22 -1.71 -18.11 -3.27
CA CYS D 22 -3.03 -17.68 -3.85
C CYS D 22 -2.91 -16.26 -4.47
N GLY D 23 -1.90 -15.49 -4.01
CA GLY D 23 -1.47 -14.19 -4.55
C GLY D 23 -0.36 -14.34 -5.56
N GLY D 24 0.06 -15.57 -5.84
CA GLY D 24 1.26 -15.80 -6.67
C GLY D 24 0.94 -15.88 -8.14
N LEU D 25 1.83 -16.58 -8.86
CA LEU D 25 1.80 -16.70 -10.33
C LEU D 25 0.98 -17.94 -10.73
N LEU D 26 0.67 -18.04 -12.02
CA LEU D 26 0.00 -19.21 -12.63
C LEU D 26 -1.27 -19.59 -11.85
N GLN D 27 -2.12 -18.61 -11.47
CA GLN D 27 -3.41 -18.89 -10.76
C GLN D 27 -4.51 -19.35 -11.74
N SER D 28 -5.29 -20.31 -11.25
CA SER D 28 -6.49 -20.83 -11.93
C SER D 28 -7.68 -20.44 -11.08
N PRO D 29 -8.93 -20.41 -11.60
CA PRO D 29 -9.20 -20.68 -13.01
C PRO D 29 -9.18 -19.41 -13.88
N ILE D 30 -9.46 -19.62 -15.17
CA ILE D 30 -9.30 -18.59 -16.22
C ILE D 30 -10.44 -18.71 -17.21
N ASP D 31 -10.63 -17.62 -17.96
CA ASP D 31 -11.52 -17.54 -19.13
C ASP D 31 -10.75 -18.06 -20.35
N LEU D 32 -11.33 -19.05 -21.03
CA LEU D 32 -10.86 -19.62 -22.31
C LEU D 32 -11.57 -18.87 -23.43
N HIS D 33 -10.88 -17.96 -24.11
CA HIS D 33 -11.34 -17.16 -25.27
C HIS D 33 -10.27 -17.20 -26.37
N SER D 34 -10.65 -17.09 -27.65
CA SER D 34 -9.82 -17.50 -28.82
C SER D 34 -8.55 -16.63 -28.94
N ASP D 35 -8.57 -15.38 -28.50
CA ASP D 35 -7.39 -14.48 -28.55
C ASP D 35 -6.20 -15.08 -27.77
N ILE D 36 -6.41 -15.98 -26.81
CA ILE D 36 -5.30 -16.64 -26.06
C ILE D 36 -5.23 -18.14 -26.34
N LEU D 37 -5.90 -18.65 -27.38
CA LEU D 37 -5.83 -20.09 -27.78
C LEU D 37 -4.88 -20.24 -28.96
N GLN D 38 -3.98 -21.23 -28.84
CA GLN D 38 -3.04 -21.63 -29.89
C GLN D 38 -3.14 -23.15 -30.03
N TYR D 39 -3.55 -23.59 -31.22
CA TYR D 39 -3.55 -25.00 -31.63
C TYR D 39 -2.13 -25.53 -31.49
N ASP D 40 -1.99 -26.69 -30.84
CA ASP D 40 -0.70 -27.39 -30.73
C ASP D 40 -0.91 -28.85 -31.15
N ALA D 41 -0.44 -29.18 -32.35
CA ALA D 41 -0.60 -30.50 -33.02
C ALA D 41 0.03 -31.64 -32.23
N SER D 42 0.90 -31.34 -31.27
CA SER D 42 1.59 -32.33 -30.41
C SER D 42 0.62 -32.93 -29.38
N LEU D 43 -0.49 -32.25 -29.09
CA LEU D 43 -1.38 -32.59 -27.96
C LEU D 43 -2.25 -33.80 -28.30
N THR D 44 -1.67 -35.00 -28.25
CA THR D 44 -2.39 -36.26 -28.60
C THR D 44 -3.33 -36.66 -27.45
N PRO D 45 -4.27 -37.61 -27.70
CA PRO D 45 -5.28 -37.99 -26.71
C PRO D 45 -4.67 -38.60 -25.45
N LEU D 46 -5.19 -38.20 -24.28
CA LEU D 46 -4.87 -38.93 -23.04
C LEU D 46 -5.58 -40.29 -23.10
N GLU D 47 -4.97 -41.32 -22.48
CA GLU D 47 -5.61 -42.64 -22.26
C GLU D 47 -5.93 -42.75 -20.78
N PHE D 48 -7.14 -43.22 -20.45
CA PHE D 48 -7.56 -43.31 -19.04
C PHE D 48 -7.55 -44.78 -18.65
N GLN D 49 -6.59 -45.19 -17.80
CA GLN D 49 -6.34 -46.61 -17.42
C GLN D 49 -6.78 -46.84 -15.97
N GLY D 50 -7.47 -47.96 -15.77
CA GLY D 50 -8.04 -48.37 -14.48
C GLY D 50 -9.21 -47.50 -14.04
N TYR D 51 -9.88 -46.81 -14.96
CA TYR D 51 -11.06 -45.95 -14.65
C TYR D 51 -12.32 -46.80 -14.50
N ASN D 52 -12.29 -48.07 -14.93
CA ASN D 52 -13.50 -48.95 -14.93
C ASN D 52 -13.58 -49.64 -13.57
N LEU D 53 -14.05 -48.91 -12.56
CA LEU D 53 -14.03 -49.41 -11.16
C LEU D 53 -15.12 -50.48 -11.04
N SER D 54 -14.80 -51.62 -10.41
CA SER D 54 -15.76 -52.73 -10.21
C SER D 54 -16.90 -52.22 -9.35
N ALA D 55 -18.13 -52.59 -9.73
CA ALA D 55 -19.39 -52.25 -9.02
C ALA D 55 -19.43 -53.05 -7.72
N ASN D 56 -18.66 -54.14 -7.63
CA ASN D 56 -18.55 -54.98 -6.41
C ASN D 56 -17.49 -54.40 -5.46
N LYS D 57 -16.71 -53.43 -5.92
CA LYS D 57 -15.79 -52.61 -5.07
C LYS D 57 -16.56 -51.35 -4.68
N GLN D 58 -16.31 -50.81 -3.48
CA GLN D 58 -16.94 -49.57 -2.95
C GLN D 58 -15.89 -48.47 -2.67
N PHE D 59 -16.30 -47.20 -2.65
CA PHE D 59 -15.41 -46.01 -2.67
C PHE D 59 -16.03 -44.87 -1.83
N LEU D 60 -15.20 -44.18 -1.03
CA LEU D 60 -15.70 -43.29 0.04
C LEU D 60 -16.10 -41.92 -0.54
N LEU D 61 -17.36 -41.54 -0.33
CA LEU D 61 -17.91 -40.22 -0.69
C LEU D 61 -17.83 -39.33 0.56
N THR D 62 -17.15 -38.19 0.48
CA THR D 62 -16.96 -37.26 1.63
C THR D 62 -17.50 -35.88 1.26
N ASN D 63 -18.28 -35.30 2.17
CA ASN D 63 -18.53 -33.84 2.26
C ASN D 63 -17.46 -33.28 3.19
N ASN D 64 -16.55 -32.45 2.71
CA ASN D 64 -15.37 -31.99 3.49
C ASN D 64 -15.62 -30.54 3.93
N GLY D 65 -16.81 -30.02 3.62
CA GLY D 65 -17.23 -28.65 3.98
C GLY D 65 -16.95 -27.64 2.87
N HIS D 66 -16.28 -28.07 1.79
CA HIS D 66 -15.99 -27.27 0.59
C HIS D 66 -16.67 -27.86 -0.66
N SER D 67 -16.83 -29.17 -0.75
CA SER D 67 -17.51 -29.84 -1.88
C SER D 67 -17.82 -31.28 -1.47
N VAL D 68 -18.35 -32.07 -2.40
CA VAL D 68 -18.47 -33.53 -2.23
C VAL D 68 -17.32 -34.13 -3.03
N LYS D 69 -16.58 -35.02 -2.40
CA LYS D 69 -15.35 -35.65 -2.91
C LYS D 69 -15.55 -37.16 -2.91
N LEU D 70 -15.12 -37.83 -3.98
CA LEU D 70 -15.06 -39.32 -4.12
C LEU D 70 -13.60 -39.77 -4.17
N ASN D 71 -13.16 -40.53 -3.17
CA ASN D 71 -11.78 -41.07 -3.05
C ASN D 71 -11.54 -42.02 -4.22
N LEU D 72 -10.43 -41.89 -4.92
CA LEU D 72 -10.14 -42.75 -6.08
C LEU D 72 -8.89 -43.56 -5.79
N PRO D 73 -8.81 -44.80 -6.32
CA PRO D 73 -7.66 -45.66 -6.16
C PRO D 73 -6.50 -45.16 -7.03
N SER D 74 -5.25 -45.36 -6.60
CA SER D 74 -4.03 -44.91 -7.32
C SER D 74 -3.69 -45.72 -8.59
N ASP D 75 -4.23 -46.92 -8.83
CA ASP D 75 -3.90 -47.62 -10.11
C ASP D 75 -4.79 -47.03 -11.22
N MET D 76 -5.72 -46.18 -10.83
CA MET D 76 -6.48 -45.32 -11.75
C MET D 76 -5.58 -44.17 -12.19
N HIS D 77 -5.11 -44.07 -13.72
CA HIS D 77 -4.06 -43.10 -14.09
C HIS D 77 -4.24 -42.62 -15.53
N ILE D 78 -3.54 -41.54 -15.85
CA ILE D 78 -3.48 -40.95 -17.21
C ILE D 78 -2.24 -41.52 -17.88
N GLN D 79 -2.38 -41.97 -19.11
CA GLN D 79 -1.24 -42.17 -20.03
C GLN D 79 -1.34 -41.13 -21.13
N GLY D 80 -0.20 -40.63 -21.55
CA GLY D 80 -0.10 -39.59 -22.51
C GLY D 80 0.75 -38.44 -22.03
N LEU D 81 1.10 -38.40 -20.75
CA LEU D 81 1.94 -37.32 -20.24
C LEU D 81 3.43 -37.70 -20.01
N GLN D 82 4.25 -36.76 -19.56
CA GLN D 82 5.68 -37.01 -19.30
C GLN D 82 5.79 -38.15 -18.29
N SER D 83 5.06 -38.07 -17.19
CA SER D 83 5.00 -39.12 -16.15
C SER D 83 3.61 -39.78 -16.07
N ARG D 84 3.55 -40.97 -15.47
CA ARG D 84 2.28 -41.54 -14.98
C ARG D 84 1.75 -40.63 -13.87
N TYR D 85 0.50 -40.20 -14.01
CA TYR D 85 -0.27 -39.39 -13.05
C TYR D 85 -1.48 -40.22 -12.56
N SER D 86 -1.61 -40.40 -11.25
CA SER D 86 -2.49 -41.41 -10.62
C SER D 86 -3.61 -40.72 -9.87
N ALA D 87 -4.85 -41.22 -9.98
CA ALA D 87 -6.05 -40.60 -9.36
C ALA D 87 -5.92 -40.55 -7.82
N THR D 88 -6.36 -39.46 -7.24
CA THR D 88 -6.45 -39.30 -5.77
C THR D 88 -7.91 -39.08 -5.38
N GLN D 89 -8.63 -38.20 -6.09
CA GLN D 89 -10.08 -37.98 -5.86
C GLN D 89 -10.72 -37.35 -7.10
N LEU D 90 -12.05 -37.33 -7.16
CA LEU D 90 -12.80 -36.32 -7.95
C LEU D 90 -13.79 -35.56 -7.04
N HIS D 91 -14.10 -34.32 -7.39
CA HIS D 91 -15.01 -33.41 -6.64
C HIS D 91 -15.63 -32.45 -7.65
N LEU D 92 -16.67 -31.70 -7.26
CA LEU D 92 -17.35 -30.74 -8.15
C LEU D 92 -17.39 -29.32 -7.56
N HIS D 93 -17.70 -28.36 -8.44
CA HIS D 93 -17.95 -26.93 -8.12
C HIS D 93 -19.28 -26.58 -8.79
N TRP D 94 -20.13 -25.84 -8.08
CA TRP D 94 -21.44 -25.43 -8.62
C TRP D 94 -21.81 -24.04 -8.12
N GLY D 95 -22.94 -23.53 -8.60
CA GLY D 95 -23.49 -22.23 -8.20
C GLY D 95 -24.59 -22.41 -7.17
N ASN D 96 -25.78 -21.90 -7.51
CA ASN D 96 -26.97 -21.82 -6.64
C ASN D 96 -28.18 -21.89 -7.53
N PRO D 97 -29.37 -22.24 -6.98
CA PRO D 97 -30.56 -22.44 -7.81
C PRO D 97 -31.00 -21.21 -8.59
N ASN D 98 -30.96 -20.00 -8.00
CA ASN D 98 -31.31 -18.72 -8.67
C ASN D 98 -30.27 -18.33 -9.72
N ASP D 99 -29.00 -18.68 -9.52
CA ASP D 99 -27.94 -18.40 -10.52
C ASP D 99 -27.11 -19.66 -10.74
N PRO D 100 -27.63 -20.61 -11.57
CA PRO D 100 -27.06 -21.96 -11.70
C PRO D 100 -25.91 -21.96 -12.70
N HIS D 101 -24.90 -21.13 -12.47
CA HIS D 101 -23.69 -21.02 -13.31
C HIS D 101 -22.49 -21.06 -12.38
N GLY D 102 -21.85 -22.23 -12.24
CA GLY D 102 -20.91 -22.43 -11.13
C GLY D 102 -19.62 -23.09 -11.54
N SER D 103 -19.37 -23.24 -12.85
CA SER D 103 -18.10 -23.80 -13.37
C SER D 103 -16.97 -22.90 -12.84
N GLU D 104 -15.77 -23.45 -12.77
CA GLU D 104 -14.55 -22.69 -12.40
C GLU D 104 -14.04 -21.99 -13.67
N HIS D 105 -13.61 -22.77 -14.65
CA HIS D 105 -13.24 -22.26 -15.99
C HIS D 105 -14.49 -21.76 -16.70
N THR D 106 -14.33 -20.70 -17.50
CA THR D 106 -15.37 -20.10 -18.35
C THR D 106 -14.86 -20.13 -19.80
N VAL D 107 -15.80 -20.07 -20.74
CA VAL D 107 -15.53 -20.01 -22.20
C VAL D 107 -16.21 -18.75 -22.74
N SER D 108 -15.41 -17.83 -23.29
CA SER D 108 -15.87 -16.51 -23.79
C SER D 108 -16.66 -15.79 -22.70
N GLY D 109 -16.18 -15.88 -21.45
CA GLY D 109 -16.78 -15.27 -20.25
C GLY D 109 -18.08 -15.94 -19.83
N GLN D 110 -18.44 -17.07 -20.45
CA GLN D 110 -19.66 -17.83 -20.07
C GLN D 110 -19.34 -18.84 -18.97
N HIS D 111 -20.01 -18.73 -17.81
CA HIS D 111 -20.04 -19.77 -16.73
C HIS D 111 -20.91 -20.91 -17.19
N PHE D 112 -20.39 -22.14 -17.21
CA PHE D 112 -21.21 -23.38 -17.27
C PHE D 112 -21.86 -23.64 -15.91
N ALA D 113 -22.80 -24.57 -15.89
CA ALA D 113 -23.63 -24.92 -14.70
C ALA D 113 -22.71 -25.41 -13.58
N ALA D 114 -21.78 -26.30 -13.90
CA ALA D 114 -20.88 -26.91 -12.88
C ALA D 114 -19.62 -27.40 -13.54
N GLU D 115 -18.70 -27.90 -12.72
CA GLU D 115 -17.39 -28.39 -13.21
C GLU D 115 -16.95 -29.54 -12.31
N LEU D 116 -16.45 -30.58 -12.93
CA LEU D 116 -15.94 -31.78 -12.25
C LEU D 116 -14.43 -31.83 -12.43
N HIS D 117 -13.74 -32.19 -11.37
CA HIS D 117 -12.26 -32.25 -11.40
C HIS D 117 -11.91 -33.66 -10.99
N ILE D 118 -11.15 -34.34 -11.84
CA ILE D 118 -10.45 -35.58 -11.46
C ILE D 118 -8.99 -35.22 -11.25
N VAL D 119 -8.56 -35.29 -9.98
CA VAL D 119 -7.22 -34.83 -9.52
C VAL D 119 -6.27 -36.04 -9.58
N HIS D 120 -5.17 -35.93 -10.31
CA HIS D 120 -4.13 -36.97 -10.39
C HIS D 120 -2.80 -36.39 -9.89
N TYR D 121 -1.90 -37.23 -9.40
CA TYR D 121 -0.58 -36.76 -8.92
C TYR D 121 0.48 -37.60 -9.60
N ASN D 122 1.67 -37.02 -9.74
CA ASN D 122 2.86 -37.68 -10.35
C ASN D 122 3.33 -38.82 -9.44
N SER D 123 2.88 -40.05 -9.73
CA SER D 123 3.14 -41.26 -8.89
C SER D 123 4.55 -41.74 -9.15
N ASP D 124 5.15 -41.34 -10.28
CA ASP D 124 6.53 -41.72 -10.66
C ASP D 124 7.52 -41.04 -9.73
N LEU D 125 7.16 -39.90 -9.12
CA LEU D 125 8.06 -39.04 -8.31
C LEU D 125 7.62 -38.97 -6.84
N TYR D 126 6.34 -39.09 -6.53
CA TYR D 126 5.84 -38.74 -5.17
C TYR D 126 4.87 -39.82 -4.67
N PRO D 127 4.89 -40.11 -3.36
CA PRO D 127 4.04 -41.14 -2.79
C PRO D 127 2.53 -40.85 -2.88
N ASP D 128 2.14 -39.59 -2.69
CA ASP D 128 0.72 -39.17 -2.52
C ASP D 128 0.56 -37.78 -3.16
N ALA D 129 -0.67 -37.32 -3.37
CA ALA D 129 -1.01 -36.00 -3.98
C ALA D 129 -0.65 -34.86 -3.02
N SER D 130 -0.80 -35.10 -1.71
CA SER D 130 -0.46 -34.20 -0.59
C SER D 130 0.99 -33.73 -0.75
N THR D 131 1.91 -34.68 -0.85
CA THR D 131 3.36 -34.46 -1.08
C THR D 131 3.60 -33.84 -2.46
N ALA D 132 2.95 -34.37 -3.51
CA ALA D 132 3.06 -33.91 -4.93
C ALA D 132 2.63 -32.44 -5.07
N SER D 133 1.72 -32.02 -4.21
CA SER D 133 0.94 -30.74 -4.23
C SER D 133 1.78 -29.48 -4.41
N ASN D 134 2.97 -29.41 -3.81
CA ASN D 134 3.87 -28.20 -3.81
C ASN D 134 5.18 -28.56 -4.50
N LYS D 135 5.10 -29.49 -5.44
CA LYS D 135 6.27 -29.94 -6.21
C LYS D 135 6.07 -29.50 -7.66
N SER D 136 7.16 -29.16 -8.33
CA SER D 136 7.10 -28.92 -9.78
C SER D 136 6.38 -30.11 -10.41
N GLU D 137 5.43 -29.84 -11.31
CA GLU D 137 4.89 -30.84 -12.27
C GLU D 137 4.06 -31.86 -11.49
N GLY D 138 3.69 -31.53 -10.26
CA GLY D 138 3.23 -32.52 -9.27
C GLY D 138 1.80 -32.99 -9.50
N LEU D 139 0.96 -32.22 -10.20
CA LEU D 139 -0.50 -32.49 -10.29
C LEU D 139 -0.95 -32.34 -11.74
N ALA D 140 -1.87 -33.20 -12.17
CA ALA D 140 -2.62 -33.11 -13.44
C ALA D 140 -4.09 -33.19 -13.05
N VAL D 141 -4.89 -32.19 -13.39
CA VAL D 141 -6.36 -32.27 -13.16
C VAL D 141 -7.04 -32.39 -14.51
N LEU D 142 -8.02 -33.30 -14.60
CA LEU D 142 -8.98 -33.36 -15.72
C LEU D 142 -10.25 -32.64 -15.28
N ALA D 143 -10.70 -31.66 -16.07
CA ALA D 143 -11.90 -30.84 -15.85
C ALA D 143 -12.96 -31.13 -16.92
N VAL D 144 -14.18 -31.45 -16.50
CA VAL D 144 -15.38 -31.58 -17.36
C VAL D 144 -16.31 -30.39 -17.05
N LEU D 145 -16.70 -29.65 -18.06
CA LEU D 145 -17.75 -28.60 -17.95
C LEU D 145 -19.11 -29.27 -18.01
N ILE D 146 -20.06 -28.77 -17.28
CA ILE D 146 -21.37 -29.44 -17.12
C ILE D 146 -22.43 -28.40 -17.46
N GLU D 147 -23.33 -28.68 -18.40
CA GLU D 147 -24.51 -27.82 -18.70
C GLU D 147 -25.79 -28.55 -18.34
N MET D 148 -26.89 -27.84 -18.06
CA MET D 148 -28.25 -28.42 -17.98
C MET D 148 -28.59 -29.07 -19.32
N GLY D 149 -29.17 -30.26 -19.32
CA GLY D 149 -29.55 -30.96 -20.55
C GLY D 149 -30.19 -32.30 -20.22
N SER D 150 -29.91 -33.34 -21.01
CA SER D 150 -30.54 -34.66 -20.83
C SER D 150 -30.06 -35.28 -19.51
N PHE D 151 -30.92 -36.11 -18.92
CA PHE D 151 -30.64 -36.92 -17.70
C PHE D 151 -29.33 -37.67 -17.90
N ASN D 152 -28.47 -37.66 -16.87
CA ASN D 152 -27.15 -38.30 -16.89
C ASN D 152 -27.12 -39.45 -15.88
N PRO D 153 -27.31 -40.70 -16.35
CA PRO D 153 -27.29 -41.86 -15.45
C PRO D 153 -25.92 -42.06 -14.80
N SER D 154 -24.83 -41.76 -15.51
CA SER D 154 -23.45 -41.96 -14.98
C SER D 154 -23.21 -41.00 -13.82
N TYR D 155 -23.45 -39.70 -14.01
CA TYR D 155 -23.36 -38.71 -12.92
C TYR D 155 -24.35 -39.11 -11.80
N ASP D 156 -25.46 -39.76 -12.14
CA ASP D 156 -26.44 -40.11 -11.07
C ASP D 156 -25.86 -41.15 -10.12
N LYS D 157 -24.90 -41.97 -10.56
CA LYS D 157 -24.18 -42.90 -9.67
C LYS D 157 -23.53 -42.16 -8.49
N ILE D 158 -23.29 -40.86 -8.62
CA ILE D 158 -22.78 -40.01 -7.51
C ILE D 158 -23.95 -39.29 -6.86
N PHE D 159 -24.89 -38.75 -7.62
CA PHE D 159 -25.88 -37.79 -7.05
C PHE D 159 -26.89 -38.60 -6.24
N SER D 160 -27.02 -39.90 -6.52
CA SER D 160 -27.93 -40.82 -5.77
C SER D 160 -27.59 -40.79 -4.27
N HIS D 161 -26.31 -40.72 -3.91
CA HIS D 161 -25.85 -40.89 -2.51
C HIS D 161 -25.62 -39.55 -1.80
N LEU D 162 -26.01 -38.40 -2.37
CA LEU D 162 -25.82 -37.05 -1.73
C LEU D 162 -26.60 -36.97 -0.42
N GLN D 163 -27.79 -37.59 -0.46
CA GLN D 163 -28.65 -37.95 0.70
C GLN D 163 -27.77 -38.25 1.91
N HIS D 164 -26.71 -39.04 1.72
CA HIS D 164 -25.99 -39.71 2.83
C HIS D 164 -24.84 -38.87 3.39
N VAL D 165 -24.42 -37.80 2.71
CA VAL D 165 -23.31 -36.92 3.14
C VAL D 165 -23.77 -35.45 3.16
N LYS D 166 -25.02 -35.19 3.54
CA LYS D 166 -25.64 -33.82 3.60
C LYS D 166 -24.77 -32.79 4.36
N TYR D 167 -24.17 -33.18 5.49
CA TYR D 167 -23.49 -32.25 6.45
C TYR D 167 -21.99 -32.56 6.49
N LYS D 168 -21.18 -31.60 6.92
CA LYS D 168 -19.69 -31.65 6.83
C LYS D 168 -19.14 -32.79 7.70
N GLY D 169 -18.16 -33.55 7.21
CA GLY D 169 -17.66 -34.76 7.91
C GLY D 169 -18.34 -36.06 7.46
N GLN D 170 -19.59 -36.02 7.03
CA GLN D 170 -20.37 -37.24 6.65
C GLN D 170 -19.67 -37.95 5.47
N GLU D 171 -19.88 -39.26 5.38
CA GLU D 171 -19.19 -40.18 4.44
C GLU D 171 -20.18 -41.29 4.08
N ALA D 172 -20.07 -41.80 2.85
CA ALA D 172 -20.97 -42.81 2.27
C ALA D 172 -20.17 -43.61 1.27
N PHE D 173 -20.17 -44.94 1.39
CA PHE D 173 -19.57 -45.82 0.36
C PHE D 173 -20.48 -45.79 -0.88
N VAL D 174 -19.84 -45.85 -2.05
CA VAL D 174 -20.47 -45.72 -3.39
C VAL D 174 -19.96 -46.87 -4.26
N PRO D 175 -20.81 -47.81 -4.72
CA PRO D 175 -20.31 -48.96 -5.49
C PRO D 175 -19.60 -48.34 -6.71
N GLY D 176 -18.44 -48.87 -7.07
CA GLY D 176 -17.64 -48.35 -8.20
C GLY D 176 -18.41 -48.36 -9.50
N PHE D 177 -17.97 -47.57 -10.48
CA PHE D 177 -18.48 -47.58 -11.87
C PHE D 177 -17.36 -47.06 -12.75
N ASN D 178 -17.61 -46.99 -14.04
CA ASN D 178 -16.61 -46.59 -15.06
C ASN D 178 -16.49 -45.06 -15.06
N ILE D 179 -15.39 -44.57 -14.47
CA ILE D 179 -15.15 -43.11 -14.27
C ILE D 179 -15.02 -42.43 -15.65
N GLU D 180 -14.72 -43.19 -16.71
CA GLU D 180 -14.60 -42.70 -18.09
C GLU D 180 -15.97 -42.24 -18.63
N GLU D 181 -17.06 -42.72 -18.04
CA GLU D 181 -18.45 -42.32 -18.40
C GLU D 181 -18.73 -40.89 -17.91
N LEU D 182 -17.93 -40.33 -17.01
CA LEU D 182 -18.17 -38.94 -16.50
C LEU D 182 -17.60 -37.93 -17.51
N LEU D 183 -16.77 -38.43 -18.43
CA LEU D 183 -16.07 -37.62 -19.44
C LEU D 183 -17.01 -37.42 -20.61
N PRO D 184 -16.84 -36.28 -21.29
CA PRO D 184 -17.68 -35.95 -22.41
C PRO D 184 -17.25 -36.73 -23.65
N GLU D 185 -18.01 -36.48 -24.72
CA GLU D 185 -17.72 -36.89 -26.10
C GLU D 185 -16.36 -36.33 -26.54
N ARG D 186 -15.62 -37.09 -27.33
CA ARG D 186 -14.47 -36.58 -28.11
C ARG D 186 -13.42 -35.94 -27.18
N THR D 187 -12.93 -36.72 -26.22
CA THR D 187 -11.95 -36.31 -25.18
C THR D 187 -10.59 -36.02 -25.82
N ALA D 188 -10.38 -36.30 -27.10
CA ALA D 188 -9.13 -35.93 -27.79
C ALA D 188 -9.05 -34.40 -27.92
N GLU D 189 -10.20 -33.73 -27.84
CA GLU D 189 -10.41 -32.27 -27.93
C GLU D 189 -10.37 -31.63 -26.52
N TYR D 190 -9.30 -30.92 -26.21
CA TYR D 190 -9.15 -30.35 -24.87
C TYR D 190 -8.27 -29.09 -24.92
N TYR D 191 -8.48 -28.25 -23.92
CA TYR D 191 -7.63 -27.11 -23.57
C TYR D 191 -6.57 -27.61 -22.60
N ARG D 192 -5.40 -26.97 -22.65
CA ARG D 192 -4.20 -27.41 -21.89
C ARG D 192 -3.42 -26.17 -21.54
N TYR D 193 -3.24 -25.91 -20.24
CA TYR D 193 -2.35 -24.83 -19.73
C TYR D 193 -1.69 -25.26 -18.41
N ARG D 194 -0.61 -24.56 -18.05
CA ARG D 194 0.05 -24.67 -16.72
C ARG D 194 -0.66 -23.67 -15.78
N GLY D 195 -1.21 -24.17 -14.70
CA GLY D 195 -1.86 -23.32 -13.68
C GLY D 195 -1.67 -23.81 -12.27
N SER D 196 -2.68 -23.55 -11.45
CA SER D 196 -2.64 -23.77 -9.99
C SER D 196 -3.82 -24.62 -9.52
N LEU D 197 -3.82 -24.98 -8.25
CA LEU D 197 -5.02 -25.35 -7.47
C LEU D 197 -5.95 -24.12 -7.41
N THR D 198 -7.26 -24.34 -7.35
CA THR D 198 -8.28 -23.27 -7.31
C THR D 198 -8.72 -23.09 -5.85
N THR D 199 -8.11 -23.87 -4.96
CA THR D 199 -8.37 -23.80 -3.50
C THR D 199 -7.02 -23.61 -2.84
N PRO D 200 -6.96 -23.01 -1.64
CA PRO D 200 -5.75 -23.07 -0.82
C PRO D 200 -5.17 -24.50 -0.76
N PRO D 201 -3.84 -24.64 -0.81
CA PRO D 201 -2.90 -23.53 -0.85
C PRO D 201 -2.58 -22.89 -2.21
N CYS D 202 -3.38 -23.15 -3.25
CA CYS D 202 -3.22 -22.53 -4.59
C CYS D 202 -1.82 -22.77 -5.19
N ASN D 203 -1.14 -23.88 -4.86
CA ASN D 203 0.22 -24.13 -5.42
C ASN D 203 0.11 -24.06 -6.93
N PRO D 204 1.08 -23.43 -7.64
CA PRO D 204 1.06 -23.35 -9.10
C PRO D 204 1.70 -24.60 -9.74
N THR D 205 1.17 -25.79 -9.43
CA THR D 205 1.78 -27.14 -9.61
C THR D 205 0.90 -28.05 -10.50
N VAL D 206 -0.04 -27.46 -11.25
CA VAL D 206 -1.11 -28.23 -11.93
C VAL D 206 -0.98 -28.09 -13.45
N LEU D 207 -0.83 -29.23 -14.12
CA LEU D 207 -1.08 -29.30 -15.58
C LEU D 207 -2.59 -29.47 -15.76
N TRP D 208 -3.24 -28.48 -16.37
CA TRP D 208 -4.71 -28.44 -16.57
C TRP D 208 -5.09 -28.99 -17.95
N THR D 209 -6.19 -29.72 -17.97
CA THR D 209 -6.78 -30.39 -19.15
C THR D 209 -8.29 -30.21 -19.03
N VAL D 210 -8.80 -29.19 -19.69
CA VAL D 210 -10.26 -28.89 -19.75
C VAL D 210 -10.75 -29.38 -21.12
N PHE D 211 -11.67 -30.37 -21.11
CA PHE D 211 -12.29 -30.94 -22.33
C PHE D 211 -13.10 -29.84 -23.01
N ARG D 212 -13.01 -29.82 -24.35
CA ARG D 212 -13.71 -28.85 -25.23
C ARG D 212 -15.21 -28.94 -24.96
N ASN D 213 -15.73 -30.16 -24.94
CA ASN D 213 -17.19 -30.43 -24.90
C ASN D 213 -17.63 -30.62 -23.46
N PRO D 214 -18.77 -30.00 -23.07
CA PRO D 214 -19.40 -30.30 -21.79
C PRO D 214 -20.14 -31.64 -21.80
N VAL D 215 -20.52 -32.07 -20.61
CA VAL D 215 -21.55 -33.11 -20.39
C VAL D 215 -22.88 -32.42 -20.05
N GLN D 216 -23.99 -33.16 -20.12
CA GLN D 216 -25.30 -32.67 -19.64
C GLN D 216 -25.73 -33.51 -18.44
N ILE D 217 -26.38 -32.85 -17.50
CA ILE D 217 -27.24 -33.45 -16.46
C ILE D 217 -28.58 -32.68 -16.49
N SER D 218 -29.61 -33.25 -15.89
CA SER D 218 -30.99 -32.68 -15.87
C SER D 218 -31.06 -31.51 -14.90
N GLN D 219 -32.05 -30.65 -15.05
CA GLN D 219 -32.35 -29.57 -14.07
C GLN D 219 -32.53 -30.24 -12.71
N GLU D 220 -33.21 -31.40 -12.66
CA GLU D 220 -33.43 -32.15 -11.39
C GLU D 220 -32.05 -32.57 -10.84
N GLN D 221 -31.20 -33.21 -11.64
CA GLN D 221 -29.81 -33.55 -11.21
C GLN D 221 -29.08 -32.32 -10.68
N LEU D 222 -29.03 -31.23 -11.45
CA LEU D 222 -28.22 -30.04 -11.06
C LEU D 222 -28.83 -29.47 -9.78
N LEU D 223 -30.14 -29.53 -9.63
CA LEU D 223 -30.84 -28.90 -8.49
C LEU D 223 -30.52 -29.64 -7.21
N ALA D 224 -30.53 -30.97 -7.27
CA ALA D 224 -30.16 -31.84 -6.13
C ALA D 224 -28.79 -31.39 -5.62
N LEU D 225 -27.80 -31.41 -6.51
CA LEU D 225 -26.42 -30.94 -6.22
C LEU D 225 -26.42 -29.58 -5.50
N GLU D 226 -27.10 -28.60 -6.09
CA GLU D 226 -27.13 -27.19 -5.60
C GLU D 226 -27.75 -27.12 -4.20
N THR D 227 -28.68 -28.04 -3.86
CA THR D 227 -29.55 -27.98 -2.65
C THR D 227 -29.22 -29.09 -1.65
N ALA D 228 -28.52 -30.16 -2.06
CA ALA D 228 -28.34 -31.38 -1.24
C ALA D 228 -27.50 -31.08 0.00
N LEU D 229 -26.51 -30.21 -0.10
CA LEU D 229 -25.39 -30.22 0.87
C LEU D 229 -25.26 -28.89 1.59
N TYR D 230 -24.55 -28.97 2.71
CA TYR D 230 -24.29 -27.91 3.71
C TYR D 230 -22.79 -27.97 4.02
N CYS D 231 -22.17 -26.83 4.23
CA CYS D 231 -20.73 -26.65 4.57
C CYS D 231 -20.47 -26.90 6.06
N THR D 232 -21.57 -26.96 6.82
CA THR D 232 -21.59 -27.04 8.31
C THR D 232 -21.89 -28.46 8.77
N HIS D 233 -21.34 -28.83 9.94
CA HIS D 233 -21.73 -30.00 10.78
C HIS D 233 -23.23 -29.95 11.06
N MET D 234 -23.90 -31.10 11.22
CA MET D 234 -25.39 -31.16 11.29
C MET D 234 -25.89 -30.59 12.63
N ASP D 235 -24.97 -30.44 13.58
CA ASP D 235 -25.19 -29.88 14.93
C ASP D 235 -24.66 -28.45 14.94
N ASP D 236 -24.42 -27.84 13.78
CA ASP D 236 -24.12 -26.37 13.71
C ASP D 236 -25.45 -25.68 13.95
N PRO D 237 -25.51 -24.64 14.82
CA PRO D 237 -26.76 -23.91 15.05
C PRO D 237 -27.14 -23.05 13.83
N SER D 238 -26.11 -22.47 13.18
CA SER D 238 -26.17 -21.62 11.95
C SER D 238 -25.70 -22.44 10.74
N PRO D 239 -26.55 -23.30 10.16
CA PRO D 239 -26.14 -24.06 8.98
C PRO D 239 -25.94 -23.16 7.76
N ARG D 240 -24.82 -23.31 7.03
CA ARG D 240 -24.62 -22.63 5.72
C ARG D 240 -24.78 -23.69 4.64
N GLU D 241 -25.76 -23.49 3.76
CA GLU D 241 -25.91 -24.17 2.44
C GLU D 241 -24.55 -24.31 1.76
N MET D 242 -24.30 -25.40 1.00
CA MET D 242 -23.03 -25.54 0.23
C MET D 242 -23.32 -25.21 -1.23
N ILE D 243 -22.99 -23.99 -1.65
CA ILE D 243 -23.31 -23.37 -2.97
C ILE D 243 -22.14 -22.45 -3.34
N ASN D 244 -22.01 -22.10 -4.61
CA ASN D 244 -21.03 -21.07 -5.04
C ASN D 244 -19.63 -21.49 -4.58
N ASN D 245 -19.25 -22.76 -4.73
CA ASN D 245 -17.94 -23.25 -4.24
C ASN D 245 -17.00 -23.38 -5.44
N PHE D 246 -16.75 -22.23 -6.05
CA PHE D 246 -15.98 -22.04 -7.30
C PHE D 246 -15.19 -20.76 -7.08
N ARG D 247 -13.95 -20.67 -7.56
CA ARG D 247 -13.15 -19.43 -7.50
C ARG D 247 -13.48 -18.53 -8.71
N GLN D 248 -13.49 -17.21 -8.51
CA GLN D 248 -13.61 -16.24 -9.64
C GLN D 248 -12.43 -16.42 -10.59
N VAL D 249 -12.62 -16.16 -11.86
CA VAL D 249 -11.52 -16.36 -12.84
C VAL D 249 -10.41 -15.36 -12.51
N GLN D 250 -9.17 -15.74 -12.79
CA GLN D 250 -7.95 -14.94 -12.49
C GLN D 250 -7.48 -14.22 -13.75
N LYS D 251 -6.72 -13.14 -13.57
CA LYS D 251 -6.09 -12.44 -14.70
C LYS D 251 -5.08 -13.41 -15.32
N PHE D 252 -4.90 -13.32 -16.62
CA PHE D 252 -4.06 -14.29 -17.37
C PHE D 252 -3.31 -13.56 -18.47
N ASP D 253 -2.10 -13.07 -18.16
CA ASP D 253 -1.45 -12.00 -18.96
C ASP D 253 -0.12 -12.52 -19.51
N GLU D 254 0.23 -12.06 -20.73
CA GLU D 254 1.39 -12.54 -21.52
C GLU D 254 1.47 -14.06 -21.32
N ARG D 255 0.39 -14.78 -21.67
CA ARG D 255 0.16 -16.22 -21.31
C ARG D 255 -0.80 -16.84 -22.34
N LEU D 256 -0.58 -18.10 -22.72
CA LEU D 256 -1.36 -18.83 -23.75
C LEU D 256 -1.95 -20.13 -23.18
N VAL D 257 -3.19 -20.42 -23.59
CA VAL D 257 -3.82 -21.76 -23.51
C VAL D 257 -3.66 -22.47 -24.85
N TYR D 258 -3.06 -23.65 -24.82
CA TYR D 258 -2.87 -24.53 -25.99
C TYR D 258 -4.12 -25.39 -26.18
N THR D 259 -4.42 -25.74 -27.43
CA THR D 259 -5.58 -26.59 -27.81
C THR D 259 -5.16 -27.78 -28.67
N SER D 260 -5.77 -28.94 -28.44
CA SER D 260 -5.62 -30.14 -29.28
C SER D 260 -6.54 -30.00 -30.48
N PHE D 261 -7.34 -28.93 -30.58
CA PHE D 261 -8.25 -28.74 -31.71
C PHE D 261 -7.89 -27.44 -32.44
N SER D 262 -7.97 -27.51 -33.77
CA SER D 262 -7.90 -26.36 -34.69
C SER D 262 -9.30 -25.76 -34.81
#